data_8VPE
# 
_entry.id   8VPE 
# 
_audit_conform.dict_name       mmcif_pdbx.dic 
_audit_conform.dict_version    5.395 
_audit_conform.dict_location   http://mmcif.pdb.org/dictionaries/ascii/mmcif_pdbx.dic 
# 
loop_
_database_2.database_id 
_database_2.database_code 
_database_2.pdbx_database_accession 
_database_2.pdbx_DOI 
PDB   8VPE         pdb_00008vpe 10.2210/pdb8vpe/pdb 
WWPDB D_1000280602 ?            ?                   
# 
loop_
_pdbx_audit_revision_history.ordinal 
_pdbx_audit_revision_history.data_content_type 
_pdbx_audit_revision_history.major_revision 
_pdbx_audit_revision_history.minor_revision 
_pdbx_audit_revision_history.revision_date 
1 'Structure model' 1 0 2024-08-07 
2 'Structure model' 1 1 2024-08-14 
3 'Structure model' 1 2 2024-09-04 
# 
_pdbx_audit_revision_details.ordinal             1 
_pdbx_audit_revision_details.revision_ordinal    1 
_pdbx_audit_revision_details.data_content_type   'Structure model' 
_pdbx_audit_revision_details.provider            repository 
_pdbx_audit_revision_details.type                'Initial release' 
_pdbx_audit_revision_details.description         ? 
_pdbx_audit_revision_details.details             ? 
# 
loop_
_pdbx_audit_revision_group.ordinal 
_pdbx_audit_revision_group.revision_ordinal 
_pdbx_audit_revision_group.data_content_type 
_pdbx_audit_revision_group.group 
1 2 'Structure model' 'Database references' 
2 3 'Structure model' 'Database references' 
# 
loop_
_pdbx_audit_revision_category.ordinal 
_pdbx_audit_revision_category.revision_ordinal 
_pdbx_audit_revision_category.data_content_type 
_pdbx_audit_revision_category.category 
1 2 'Structure model' citation        
2 2 'Structure model' citation_author 
3 3 'Structure model' citation        
4 3 'Structure model' citation_author 
# 
loop_
_pdbx_audit_revision_item.ordinal 
_pdbx_audit_revision_item.revision_ordinal 
_pdbx_audit_revision_item.data_content_type 
_pdbx_audit_revision_item.item 
1  2 'Structure model' '_citation.country'                 
2  2 'Structure model' '_citation.journal_abbrev'          
3  2 'Structure model' '_citation.journal_id_ASTM'         
4  2 'Structure model' '_citation.journal_id_CSD'          
5  2 'Structure model' '_citation.journal_id_ISSN'         
6  2 'Structure model' '_citation.pdbx_database_id_DOI'    
7  2 'Structure model' '_citation.pdbx_database_id_PubMed' 
8  2 'Structure model' '_citation.title'                   
9  2 'Structure model' '_citation.year'                    
10 2 'Structure model' '_citation_author.identifier_ORCID' 
11 2 'Structure model' '_citation_author.name'             
12 3 'Structure model' '_citation.journal_volume'          
13 3 'Structure model' '_citation.page_first'              
14 3 'Structure model' '_citation.page_last'               
15 3 'Structure model' '_citation_author.identifier_ORCID' 
# 
_pdbx_database_status.status_code                     REL 
_pdbx_database_status.status_code_sf                  REL 
_pdbx_database_status.status_code_mr                  ? 
_pdbx_database_status.entry_id                        8VPE 
_pdbx_database_status.recvd_initial_deposition_date   2024-01-16 
_pdbx_database_status.SG_entry                        N 
_pdbx_database_status.deposit_site                    RCSB 
_pdbx_database_status.process_site                    RCSB 
_pdbx_database_status.status_code_cs                  ? 
_pdbx_database_status.status_code_nmr_data            ? 
_pdbx_database_status.methods_development_category    ? 
_pdbx_database_status.pdb_format_compatible           Y 
# 
_pdbx_contact_author.id                 2 
_pdbx_contact_author.email              andyn@uic.edu 
_pdbx_contact_author.name_first         Andy 
_pdbx_contact_author.name_last          Nguyen 
_pdbx_contact_author.name_mi            I 
_pdbx_contact_author.role               'principal investigator/group leader' 
_pdbx_contact_author.identifier_ORCID   0000-0003-4137-6453 
# 
_audit_author.name               'Ganatra, P.' 
_audit_author.pdbx_ordinal       1 
_audit_author.identifier_ORCID   0000-0002-5836-6772 
# 
_citation.abstract                  ? 
_citation.abstract_id_CAS           ? 
_citation.book_id_ISBN              ? 
_citation.book_publisher            ? 
_citation.book_publisher_city       ? 
_citation.book_title                ? 
_citation.coordinate_linkage        ? 
_citation.country                   US 
_citation.database_id_Medline       ? 
_citation.details                   ? 
_citation.id                        primary 
_citation.journal_abbrev            J.Am.Chem.Soc. 
_citation.journal_id_ASTM           JACSAT 
_citation.journal_id_CSD            ? 
_citation.journal_id_ISSN           1520-5126 
_citation.journal_full              ? 
_citation.journal_issue             ? 
_citation.journal_volume            146 
_citation.language                  ? 
_citation.page_first                22236 
_citation.page_last                 22246 
_citation.title                     'Diverse Proteomimetic Frameworks via Rational Design of pi-Stacking Peptide Tectons.' 
_citation.year                      2024 
_citation.database_id_CSD           ? 
_citation.pdbx_database_id_DOI      10.1021/jacs.4c03094 
_citation.pdbx_database_id_PubMed   39096501 
_citation.pdbx_database_id_patent   ? 
_citation.unpublished_flag          ? 
# 
loop_
_citation_author.citation_id 
_citation_author.name 
_citation_author.ordinal 
_citation_author.identifier_ORCID 
primary 'Ganatra, P.'  1 ? 
primary 'Wang, D.F.'   2 ? 
primary 'Ganatra, V.'  3 ? 
primary 'Dang, V.T.'   4 ? 
primary 'Nguyen, A.I.' 5 ? 
# 
loop_
_entity.id 
_entity.type 
_entity.src_method 
_entity.pdbx_description 
_entity.formula_weight 
_entity.pdbx_number_of_molecules 
_entity.pdbx_ec 
_entity.pdbx_mutation 
_entity.pdbx_fragment 
_entity.details 
1 polymer     syn UIC-10-BIF   1401.654 2  ? ? ? ? 
2 non-polymer syn ACETONITRILE 41.052   7  ? ? ? ? 
3 water       nat water        18.015   11 ? ? ? ? 
# 
_entity_poly.entity_id                      1 
_entity_poly.type                           'polypeptide(L)' 
_entity_poly.nstd_linkage                   no 
_entity_poly.nstd_monomer                   yes 
_entity_poly.pdbx_seq_one_letter_code       '(Z7Z)(AIB)L(AIB)A(AIB)L(AIB)Q(AIB)L(I77)' 
_entity_poly.pdbx_seq_one_letter_code_can   XALAAALAQALX 
_entity_poly.pdbx_strand_id                 A,B 
_entity_poly.pdbx_target_identifier         ? 
# 
loop_
_pdbx_entity_nonpoly.entity_id 
_pdbx_entity_nonpoly.name 
_pdbx_entity_nonpoly.comp_id 
2 ACETONITRILE CCN 
3 water        HOH 
# 
loop_
_entity_poly_seq.entity_id 
_entity_poly_seq.num 
_entity_poly_seq.mon_id 
_entity_poly_seq.hetero 
1 1  Z7Z n 
1 2  AIB n 
1 3  LEU n 
1 4  AIB n 
1 5  ALA n 
1 6  AIB n 
1 7  LEU n 
1 8  AIB n 
1 9  GLN n 
1 10 AIB n 
1 11 LEU n 
1 12 I77 n 
# 
_pdbx_entity_src_syn.entity_id              1 
_pdbx_entity_src_syn.pdbx_src_id            1 
_pdbx_entity_src_syn.pdbx_alt_source_flag   sample 
_pdbx_entity_src_syn.pdbx_beg_seq_num       1 
_pdbx_entity_src_syn.pdbx_end_seq_num       12 
_pdbx_entity_src_syn.organism_scientific    'synthetic construct' 
_pdbx_entity_src_syn.organism_common_name   ? 
_pdbx_entity_src_syn.ncbi_taxonomy_id       32630 
_pdbx_entity_src_syn.details                ? 
# 
loop_
_chem_comp.id 
_chem_comp.type 
_chem_comp.mon_nstd_flag 
_chem_comp.name 
_chem_comp.pdbx_synonyms 
_chem_comp.formula 
_chem_comp.formula_weight 
AIB 'L-peptide linking' n 'ALPHA-AMINOISOBUTYRIC ACID'                            ? 'C4 H9 N O2'    103.120 
ALA 'L-peptide linking' y ALANINE                                                 ? 'C3 H7 N O2'    89.093  
CCN non-polymer         . ACETONITRILE                                            ? 'C2 H3 N'       41.052  
GLN 'L-peptide linking' y GLUTAMINE                                               ? 'C5 H10 N2 O3'  146.144 
HOH non-polymer         . WATER                                                   ? 'H2 O'          18.015  
I77 non-polymer         . "5'-(hydrazinecarbonyl)[2,2'-bipyridine]-5-carboxamide" ? 'C12 H11 N5 O2' 257.248 
LEU 'L-peptide linking' y LEUCINE                                                 ? 'C6 H13 N O2'   131.173 
Z7Z non-polymer         . 'biphenyl-4-carboxylic acid'                            ? 'C13 H10 O2'    198.217 
# 
loop_
_pdbx_poly_seq_scheme.asym_id 
_pdbx_poly_seq_scheme.entity_id 
_pdbx_poly_seq_scheme.seq_id 
_pdbx_poly_seq_scheme.mon_id 
_pdbx_poly_seq_scheme.ndb_seq_num 
_pdbx_poly_seq_scheme.pdb_seq_num 
_pdbx_poly_seq_scheme.auth_seq_num 
_pdbx_poly_seq_scheme.pdb_mon_id 
_pdbx_poly_seq_scheme.auth_mon_id 
_pdbx_poly_seq_scheme.pdb_strand_id 
_pdbx_poly_seq_scheme.pdb_ins_code 
_pdbx_poly_seq_scheme.hetero 
A 1 1  Z7Z 1  1  1  Z7Z BIF A . n 
A 1 2  AIB 2  2  2  AIB AIB A . n 
A 1 3  LEU 3  3  3  LEU LEU A . n 
A 1 4  AIB 4  4  4  AIB AIB A . n 
A 1 5  ALA 5  5  5  ALA ALA A . n 
A 1 6  AIB 6  6  6  AIB AIB A . n 
A 1 7  LEU 7  7  7  LEU LEU A . n 
A 1 8  AIB 8  8  8  AIB AIB A . n 
A 1 9  GLN 9  9  9  GLN GLN A . n 
A 1 10 AIB 10 10 10 AIB AIB A . n 
A 1 11 LEU 11 11 11 LEU LEU A . n 
A 1 12 I77 12 12 12 I77 BPH A . n 
B 1 1  Z7Z 1  1  1  Z7Z BIF B . n 
B 1 2  AIB 2  2  2  AIB AIB B . n 
B 1 3  LEU 3  3  3  LEU LEU B . n 
B 1 4  AIB 4  4  4  AIB AIB B . n 
B 1 5  ALA 5  5  5  ALA ALA B . n 
B 1 6  AIB 6  6  6  AIB AIB B . n 
B 1 7  LEU 7  7  7  LEU LEU B . n 
B 1 8  AIB 8  8  8  AIB AIB B . n 
B 1 9  GLN 9  9  9  GLN GLN B . n 
B 1 10 AIB 10 10 10 AIB AIB B . n 
B 1 11 LEU 11 11 11 LEU LEU B . n 
B 1 12 I77 12 12 12 I77 BPH B . n 
# 
loop_
_pdbx_entity_instance_feature.ordinal 
_pdbx_entity_instance_feature.comp_id 
_pdbx_entity_instance_feature.asym_id 
_pdbx_entity_instance_feature.seq_num 
_pdbx_entity_instance_feature.auth_comp_id 
_pdbx_entity_instance_feature.auth_asym_id 
_pdbx_entity_instance_feature.auth_seq_num 
_pdbx_entity_instance_feature.feature_type 
_pdbx_entity_instance_feature.details 
1 Z7Z ? ? Z7Z ? ? 'SUBJECT OF INVESTIGATION' ? 
2 I77 ? ? I77 ? ? 'SUBJECT OF INVESTIGATION' ? 
# 
loop_
_pdbx_nonpoly_scheme.asym_id 
_pdbx_nonpoly_scheme.entity_id 
_pdbx_nonpoly_scheme.mon_id 
_pdbx_nonpoly_scheme.ndb_seq_num 
_pdbx_nonpoly_scheme.pdb_seq_num 
_pdbx_nonpoly_scheme.auth_seq_num 
_pdbx_nonpoly_scheme.pdb_mon_id 
_pdbx_nonpoly_scheme.auth_mon_id 
_pdbx_nonpoly_scheme.pdb_strand_id 
_pdbx_nonpoly_scheme.pdb_ins_code 
C 2 CCN 1 101 12 CCN CCN A . 
D 2 CCN 1 102 13 CCN CCN A . 
E 2 CCN 1 103 18 CCN CCN A . 
F 2 CCN 1 101 14 CCN CCN B . 
G 2 CCN 1 102 15 CCN CCN B . 
H 2 CCN 1 103 16 CCN CCN B . 
I 2 CCN 1 104 17 CCN CCN B . 
J 3 HOH 1 201 6  HOH HOH A . 
J 3 HOH 2 202 1  HOH HOH A . 
J 3 HOH 3 203 10 HOH HOH A . 
J 3 HOH 4 204 3  HOH HOH A . 
J 3 HOH 5 205 5  HOH HOH A . 
J 3 HOH 6 206 11 HOH HOH A . 
J 3 HOH 7 207 2  HOH HOH A . 
J 3 HOH 8 208 4  HOH HOH A . 
K 3 HOH 1 201 8  HOH HOH B . 
K 3 HOH 2 202 7  HOH HOH B . 
K 3 HOH 3 203 9  HOH HOH B . 
# 
loop_
_software.citation_id 
_software.classification 
_software.compiler_name 
_software.compiler_version 
_software.contact_author 
_software.contact_author_email 
_software.date 
_software.description 
_software.dependencies 
_software.hardware 
_software.language 
_software.location 
_software.mods 
_software.name 
_software.os 
_software.os_version 
_software.type 
_software.version 
_software.pdbx_ordinal 
? refinement       ? ? ? ? ? ? ? ? ? ? ? PHENIX ? ? ? 1.20.1_4487 1 
? 'data reduction' ? ? ? ? ? ? ? ? ? ? ? XDS    ? ? ? .           2 
? 'data scaling'   ? ? ? ? ? ? ? ? ? ? ? XDS    ? ? ? .           3 
? phasing          ? ? ? ? ? ? ? ? ? ? ? PHASER ? ? ? .           4 
# 
_cell.angle_alpha                  90.000 
_cell.angle_alpha_esd              ? 
_cell.angle_beta                   90.000 
_cell.angle_beta_esd               ? 
_cell.angle_gamma                  90.000 
_cell.angle_gamma_esd              ? 
_cell.entry_id                     8VPE 
_cell.details                      ? 
_cell.formula_units_Z              ? 
_cell.length_a                     10.764 
_cell.length_a_esd                 ? 
_cell.length_b                     36.020 
_cell.length_b_esd                 ? 
_cell.length_c                     47.455 
_cell.length_c_esd                 ? 
_cell.volume                       18399.218 
_cell.volume_esd                   ? 
_cell.Z_PDB                        8 
_cell.reciprocal_angle_alpha       ? 
_cell.reciprocal_angle_beta        ? 
_cell.reciprocal_angle_gamma       ? 
_cell.reciprocal_angle_alpha_esd   ? 
_cell.reciprocal_angle_beta_esd    ? 
_cell.reciprocal_angle_gamma_esd   ? 
_cell.reciprocal_length_a          ? 
_cell.reciprocal_length_b          ? 
_cell.reciprocal_length_c          ? 
_cell.reciprocal_length_a_esd      ? 
_cell.reciprocal_length_b_esd      ? 
_cell.reciprocal_length_c_esd      ? 
_cell.pdbx_unique_axis             ? 
_cell.pdbx_esd_method              ? 
# 
_symmetry.entry_id                         8VPE 
_symmetry.cell_setting                     ? 
_symmetry.Int_Tables_number                19 
_symmetry.space_group_name_Hall            'P 2ac 2ab' 
_symmetry.space_group_name_H-M             'P 21 21 21' 
_symmetry.pdbx_full_space_group_name_H-M   ? 
# 
_exptl.absorpt_coefficient_mu     ? 
_exptl.absorpt_correction_T_max   ? 
_exptl.absorpt_correction_T_min   ? 
_exptl.absorpt_correction_type    ? 
_exptl.absorpt_process_details    ? 
_exptl.entry_id                   8VPE 
_exptl.crystals_number            1 
_exptl.details                    ? 
_exptl.method                     'X-RAY DIFFRACTION' 
_exptl.method_details             ? 
# 
_exptl_crystal.colour                       ? 
_exptl_crystal.density_diffrn               ? 
_exptl_crystal.density_Matthews             1.91 
_exptl_crystal.density_method               ? 
_exptl_crystal.density_percent_sol          35.53 
_exptl_crystal.description                  ? 
_exptl_crystal.F_000                        ? 
_exptl_crystal.id                           1 
_exptl_crystal.preparation                  ? 
_exptl_crystal.size_max                     ? 
_exptl_crystal.size_mid                     ? 
_exptl_crystal.size_min                     ? 
_exptl_crystal.size_rad                     ? 
_exptl_crystal.colour_lustre                ? 
_exptl_crystal.colour_modifier              ? 
_exptl_crystal.colour_primary               ? 
_exptl_crystal.density_meas                 ? 
_exptl_crystal.density_meas_esd             ? 
_exptl_crystal.density_meas_gt              ? 
_exptl_crystal.density_meas_lt              ? 
_exptl_crystal.density_meas_temp            ? 
_exptl_crystal.density_meas_temp_esd        ? 
_exptl_crystal.density_meas_temp_gt         ? 
_exptl_crystal.density_meas_temp_lt         ? 
_exptl_crystal.pdbx_crystal_image_url       ? 
_exptl_crystal.pdbx_crystal_image_format    ? 
_exptl_crystal.pdbx_mosaicity               ? 
_exptl_crystal.pdbx_mosaicity_esd           ? 
_exptl_crystal.pdbx_mosaic_method           ? 
_exptl_crystal.pdbx_mosaic_block_size       ? 
_exptl_crystal.pdbx_mosaic_block_size_esd   ? 
# 
_exptl_crystal_grow.apparatus       ? 
_exptl_crystal_grow.atmosphere      ? 
_exptl_crystal_grow.crystal_id      1 
_exptl_crystal_grow.details         ? 
_exptl_crystal_grow.method          'SLOW COOLING' 
_exptl_crystal_grow.method_ref      ? 
_exptl_crystal_grow.pH              ? 
_exptl_crystal_grow.pressure        ? 
_exptl_crystal_grow.pressure_esd    ? 
_exptl_crystal_grow.seeding         ? 
_exptl_crystal_grow.seeding_ref     ? 
_exptl_crystal_grow.temp_details    ? 
_exptl_crystal_grow.temp_esd        ? 
_exptl_crystal_grow.time            ? 
_exptl_crystal_grow.pdbx_details    'Acetonitrile, water' 
_exptl_crystal_grow.pdbx_pH_range   ? 
_exptl_crystal_grow.temp            298 
# 
_diffrn.ambient_environment              ? 
_diffrn.ambient_temp                     100 
_diffrn.ambient_temp_details             ? 
_diffrn.ambient_temp_esd                 ? 
_diffrn.crystal_id                       1 
_diffrn.crystal_support                  ? 
_diffrn.crystal_treatment                ? 
_diffrn.details                          ? 
_diffrn.id                               1 
_diffrn.ambient_pressure                 ? 
_diffrn.ambient_pressure_esd             ? 
_diffrn.ambient_pressure_gt              ? 
_diffrn.ambient_pressure_lt              ? 
_diffrn.ambient_temp_gt                  ? 
_diffrn.ambient_temp_lt                  ? 
_diffrn.pdbx_serial_crystal_experiment   N 
# 
_diffrn_detector.details                      ? 
_diffrn_detector.detector                     PIXEL 
_diffrn_detector.diffrn_id                    1 
_diffrn_detector.type                         'DECTRIS EIGER X 9M' 
_diffrn_detector.area_resol_mean              ? 
_diffrn_detector.dtime                        ? 
_diffrn_detector.pdbx_frames_total            ? 
_diffrn_detector.pdbx_collection_time_total   ? 
_diffrn_detector.pdbx_collection_date         2022-10-28 
_diffrn_detector.pdbx_frequency               ? 
_diffrn_detector.id                           ? 
_diffrn_detector.number_of_axes               ? 
# 
_diffrn_radiation.collimation                      ? 
_diffrn_radiation.diffrn_id                        1 
_diffrn_radiation.filter_edge                      ? 
_diffrn_radiation.inhomogeneity                    ? 
_diffrn_radiation.monochromator                    ? 
_diffrn_radiation.polarisn_norm                    ? 
_diffrn_radiation.polarisn_ratio                   ? 
_diffrn_radiation.probe                            ? 
_diffrn_radiation.type                             ? 
_diffrn_radiation.xray_symbol                      ? 
_diffrn_radiation.wavelength_id                    1 
_diffrn_radiation.pdbx_monochromatic_or_laue_m_l   M 
_diffrn_radiation.pdbx_wavelength_list             ? 
_diffrn_radiation.pdbx_wavelength                  ? 
_diffrn_radiation.pdbx_diffrn_protocol             'SINGLE WAVELENGTH' 
_diffrn_radiation.pdbx_analyzer                    ? 
_diffrn_radiation.pdbx_scattering_type             x-ray 
# 
_diffrn_radiation_wavelength.id           1 
_diffrn_radiation_wavelength.wavelength   0.6199 
_diffrn_radiation_wavelength.wt           1.0 
# 
_diffrn_source.current                     ? 
_diffrn_source.details                     ? 
_diffrn_source.diffrn_id                   1 
_diffrn_source.power                       ? 
_diffrn_source.size                        ? 
_diffrn_source.source                      SYNCHROTRON 
_diffrn_source.target                      ? 
_diffrn_source.type                        'APS BEAMLINE 21-ID-D' 
_diffrn_source.voltage                     ? 
_diffrn_source.take-off_angle              ? 
_diffrn_source.pdbx_wavelength_list        0.6199 
_diffrn_source.pdbx_wavelength             ? 
_diffrn_source.pdbx_synchrotron_beamline   21-ID-D 
_diffrn_source.pdbx_synchrotron_site       APS 
# 
_reflns.B_iso_Wilson_estimate                          6.92 
_reflns.entry_id                                       8VPE 
_reflns.data_reduction_details                         ? 
_reflns.data_reduction_method                          ? 
_reflns.d_resolution_high                              0.91 
_reflns.d_resolution_low                               16.84 
_reflns.details                                        ? 
_reflns.limit_h_max                                    ? 
_reflns.limit_h_min                                    ? 
_reflns.limit_k_max                                    ? 
_reflns.limit_k_min                                    ? 
_reflns.limit_l_max                                    ? 
_reflns.limit_l_min                                    ? 
_reflns.number_all                                     ? 
_reflns.number_obs                                     13878 
_reflns.observed_criterion                             ? 
_reflns.observed_criterion_F_max                       ? 
_reflns.observed_criterion_F_min                       ? 
_reflns.observed_criterion_I_max                       ? 
_reflns.observed_criterion_I_min                       ? 
_reflns.observed_criterion_sigma_F                     ? 
_reflns.observed_criterion_sigma_I                     ? 
_reflns.percent_possible_obs                           99.18 
_reflns.R_free_details                                 ? 
_reflns.Rmerge_F_all                                   ? 
_reflns.Rmerge_F_obs                                   ? 
_reflns.Friedel_coverage                               ? 
_reflns.number_gt                                      ? 
_reflns.threshold_expression                           ? 
_reflns.pdbx_redundancy                                12.8 
_reflns.pdbx_netI_over_av_sigmaI                       ? 
_reflns.pdbx_netI_over_sigmaI                          21.69 
_reflns.pdbx_res_netI_over_av_sigmaI_2                 ? 
_reflns.pdbx_res_netI_over_sigmaI_2                    ? 
_reflns.pdbx_chi_squared                               ? 
_reflns.pdbx_scaling_rejects                           ? 
_reflns.pdbx_d_res_high_opt                            ? 
_reflns.pdbx_d_res_low_opt                             ? 
_reflns.pdbx_d_res_opt_method                          ? 
_reflns.phase_calculation_details                      ? 
_reflns.pdbx_Rrim_I_all                                ? 
_reflns.pdbx_Rpim_I_all                                ? 
_reflns.pdbx_d_opt                                     ? 
_reflns.pdbx_number_measured_all                       ? 
_reflns.pdbx_diffrn_id                                 1 
_reflns.pdbx_ordinal                                   1 
_reflns.pdbx_CC_half                                   0.998 
_reflns.pdbx_CC_star                                   ? 
_reflns.pdbx_R_split                                   ? 
_reflns.pdbx_Rmerge_I_obs                              ? 
_reflns.pdbx_Rmerge_I_all                              ? 
_reflns.pdbx_Rsym_value                                ? 
_reflns.pdbx_CC_split_method                           ? 
_reflns.pdbx_aniso_diffraction_limit_axis_1_ortho[1]   ? 
_reflns.pdbx_aniso_diffraction_limit_axis_1_ortho[2]   ? 
_reflns.pdbx_aniso_diffraction_limit_axis_1_ortho[3]   ? 
_reflns.pdbx_aniso_diffraction_limit_axis_2_ortho[1]   ? 
_reflns.pdbx_aniso_diffraction_limit_axis_2_ortho[2]   ? 
_reflns.pdbx_aniso_diffraction_limit_axis_2_ortho[3]   ? 
_reflns.pdbx_aniso_diffraction_limit_axis_3_ortho[1]   ? 
_reflns.pdbx_aniso_diffraction_limit_axis_3_ortho[2]   ? 
_reflns.pdbx_aniso_diffraction_limit_axis_3_ortho[3]   ? 
_reflns.pdbx_aniso_diffraction_limit_1                 ? 
_reflns.pdbx_aniso_diffraction_limit_2                 ? 
_reflns.pdbx_aniso_diffraction_limit_3                 ? 
_reflns.pdbx_aniso_B_tensor_eigenvector_1_ortho[1]     ? 
_reflns.pdbx_aniso_B_tensor_eigenvector_1_ortho[2]     ? 
_reflns.pdbx_aniso_B_tensor_eigenvector_1_ortho[3]     ? 
_reflns.pdbx_aniso_B_tensor_eigenvector_2_ortho[1]     ? 
_reflns.pdbx_aniso_B_tensor_eigenvector_2_ortho[2]     ? 
_reflns.pdbx_aniso_B_tensor_eigenvector_2_ortho[3]     ? 
_reflns.pdbx_aniso_B_tensor_eigenvector_3_ortho[1]     ? 
_reflns.pdbx_aniso_B_tensor_eigenvector_3_ortho[2]     ? 
_reflns.pdbx_aniso_B_tensor_eigenvector_3_ortho[3]     ? 
_reflns.pdbx_aniso_B_tensor_eigenvalue_1               ? 
_reflns.pdbx_aniso_B_tensor_eigenvalue_2               ? 
_reflns.pdbx_aniso_B_tensor_eigenvalue_3               ? 
_reflns.pdbx_orthogonalization_convention              ? 
_reflns.pdbx_percent_possible_ellipsoidal              ? 
_reflns.pdbx_percent_possible_spherical                ? 
_reflns.pdbx_percent_possible_ellipsoidal_anomalous    ? 
_reflns.pdbx_percent_possible_spherical_anomalous      ? 
_reflns.pdbx_redundancy_anomalous                      ? 
_reflns.pdbx_CC_half_anomalous                         ? 
_reflns.pdbx_absDiff_over_sigma_anomalous              ? 
_reflns.pdbx_percent_possible_anomalous                ? 
_reflns.pdbx_observed_signal_threshold                 ? 
_reflns.pdbx_signal_type                               ? 
_reflns.pdbx_signal_details                            ? 
_reflns.pdbx_signal_software_id                        ? 
# 
_reflns_shell.d_res_high                                    0.91 
_reflns_shell.d_res_low                                     0.9426 
_reflns_shell.meanI_over_sigI_all                           ? 
_reflns_shell.meanI_over_sigI_obs                           ? 
_reflns_shell.number_measured_all                           ? 
_reflns_shell.number_measured_obs                           ? 
_reflns_shell.number_possible                               ? 
_reflns_shell.number_unique_all                             ? 
_reflns_shell.number_unique_obs                             1314 
_reflns_shell.percent_possible_obs                          ? 
_reflns_shell.Rmerge_F_all                                  ? 
_reflns_shell.Rmerge_F_obs                                  ? 
_reflns_shell.meanI_over_sigI_gt                            ? 
_reflns_shell.meanI_over_uI_all                             ? 
_reflns_shell.meanI_over_uI_gt                              ? 
_reflns_shell.number_measured_gt                            ? 
_reflns_shell.number_unique_gt                              ? 
_reflns_shell.percent_possible_gt                           ? 
_reflns_shell.Rmerge_F_gt                                   ? 
_reflns_shell.Rmerge_I_gt                                   ? 
_reflns_shell.pdbx_redundancy                               ? 
_reflns_shell.pdbx_chi_squared                              ? 
_reflns_shell.pdbx_netI_over_sigmaI_all                     ? 
_reflns_shell.pdbx_netI_over_sigmaI_obs                     ? 
_reflns_shell.pdbx_Rrim_I_all                               ? 
_reflns_shell.pdbx_Rpim_I_all                               ? 
_reflns_shell.pdbx_rejects                                  ? 
_reflns_shell.pdbx_ordinal                                  1 
_reflns_shell.pdbx_diffrn_id                                1 
_reflns_shell.pdbx_CC_half                                  0.979 
_reflns_shell.pdbx_CC_star                                  ? 
_reflns_shell.pdbx_R_split                                  ? 
_reflns_shell.percent_possible_all                          ? 
_reflns_shell.Rmerge_I_all                                  ? 
_reflns_shell.Rmerge_I_obs                                  ? 
_reflns_shell.pdbx_Rsym_value                               ? 
_reflns_shell.pdbx_percent_possible_ellipsoidal             ? 
_reflns_shell.pdbx_percent_possible_spherical               ? 
_reflns_shell.pdbx_percent_possible_ellipsoidal_anomalous   ? 
_reflns_shell.pdbx_percent_possible_spherical_anomalous     ? 
_reflns_shell.pdbx_redundancy_anomalous                     ? 
_reflns_shell.pdbx_CC_half_anomalous                        ? 
_reflns_shell.pdbx_absDiff_over_sigma_anomalous             ? 
_reflns_shell.pdbx_percent_possible_anomalous               ? 
# 
_refine.aniso_B[1][1]                            ? 
_refine.aniso_B[1][2]                            ? 
_refine.aniso_B[1][3]                            ? 
_refine.aniso_B[2][2]                            ? 
_refine.aniso_B[2][3]                            ? 
_refine.aniso_B[3][3]                            ? 
_refine.B_iso_max                                ? 
_refine.B_iso_mean                               8.48 
_refine.B_iso_min                                ? 
_refine.correlation_coeff_Fo_to_Fc               ? 
_refine.correlation_coeff_Fo_to_Fc_free          ? 
_refine.details                                  ? 
_refine.diff_density_max                         ? 
_refine.diff_density_max_esd                     ? 
_refine.diff_density_min                         ? 
_refine.diff_density_min_esd                     ? 
_refine.diff_density_rms                         ? 
_refine.diff_density_rms_esd                     ? 
_refine.entry_id                                 8VPE 
_refine.pdbx_refine_id                           'X-RAY DIFFRACTION' 
_refine.ls_abs_structure_details                 ? 
_refine.ls_abs_structure_Flack                   ? 
_refine.ls_abs_structure_Flack_esd               ? 
_refine.ls_abs_structure_Rogers                  ? 
_refine.ls_abs_structure_Rogers_esd              ? 
_refine.ls_d_res_high                            0.91 
_refine.ls_d_res_low                             16.84 
_refine.ls_extinction_coef                       ? 
_refine.ls_extinction_coef_esd                   ? 
_refine.ls_extinction_expression                 ? 
_refine.ls_extinction_method                     ? 
_refine.ls_goodness_of_fit_all                   ? 
_refine.ls_goodness_of_fit_all_esd               ? 
_refine.ls_goodness_of_fit_obs                   ? 
_refine.ls_goodness_of_fit_obs_esd               ? 
_refine.ls_hydrogen_treatment                    ? 
_refine.ls_matrix_type                           ? 
_refine.ls_number_constraints                    ? 
_refine.ls_number_parameters                     ? 
_refine.ls_number_reflns_all                     ? 
_refine.ls_number_reflns_obs                     13878 
_refine.ls_number_reflns_R_free                  2520 
_refine.ls_number_reflns_R_work                  22855 
_refine.ls_number_restraints                     ? 
_refine.ls_percent_reflns_obs                    99.28 
_refine.ls_percent_reflns_R_free                 9.93 
_refine.ls_R_factor_all                          ? 
_refine.ls_R_factor_obs                          0.0965 
_refine.ls_R_factor_R_free                       0.1114 
_refine.ls_R_factor_R_free_error                 ? 
_refine.ls_R_factor_R_free_error_details         ? 
_refine.ls_R_factor_R_work                       0.0950 
_refine.ls_R_Fsqd_factor_obs                     ? 
_refine.ls_R_I_factor_obs                        ? 
_refine.ls_redundancy_reflns_all                 ? 
_refine.ls_redundancy_reflns_obs                 ? 
_refine.ls_restrained_S_all                      ? 
_refine.ls_restrained_S_obs                      ? 
_refine.ls_shift_over_esd_max                    ? 
_refine.ls_shift_over_esd_mean                   ? 
_refine.ls_structure_factor_coef                 ? 
_refine.ls_weighting_details                     ? 
_refine.ls_weighting_scheme                      ? 
_refine.ls_wR_factor_all                         ? 
_refine.ls_wR_factor_obs                         ? 
_refine.ls_wR_factor_R_free                      ? 
_refine.ls_wR_factor_R_work                      ? 
_refine.occupancy_max                            ? 
_refine.occupancy_min                            ? 
_refine.solvent_model_details                    'FLAT BULK SOLVENT MODEL' 
_refine.solvent_model_param_bsol                 ? 
_refine.solvent_model_param_ksol                 ? 
_refine.pdbx_R_complete                          ? 
_refine.ls_R_factor_gt                           ? 
_refine.ls_goodness_of_fit_gt                    ? 
_refine.ls_goodness_of_fit_ref                   ? 
_refine.ls_shift_over_su_max                     ? 
_refine.ls_shift_over_su_max_lt                  ? 
_refine.ls_shift_over_su_mean                    ? 
_refine.ls_shift_over_su_mean_lt                 ? 
_refine.pdbx_ls_sigma_I                          ? 
_refine.pdbx_ls_sigma_F                          1.37 
_refine.pdbx_ls_sigma_Fsqd                       ? 
_refine.pdbx_data_cutoff_high_absF               ? 
_refine.pdbx_data_cutoff_high_rms_absF           ? 
_refine.pdbx_data_cutoff_low_absF                ? 
_refine.pdbx_isotropic_thermal_model             ? 
_refine.pdbx_ls_cross_valid_method               'FREE R-VALUE' 
_refine.pdbx_method_to_determine_struct          'MOLECULAR REPLACEMENT' 
_refine.pdbx_starting_model                      ? 
_refine.pdbx_stereochemistry_target_values       'GeoStd + Monomer Library + CDL v1.2' 
_refine.pdbx_R_Free_selection_details            ? 
_refine.pdbx_stereochem_target_val_spec_case     ? 
_refine.pdbx_overall_ESU_R                       ? 
_refine.pdbx_overall_ESU_R_Free                  ? 
_refine.pdbx_solvent_vdw_probe_radii             1.1000 
_refine.pdbx_solvent_ion_probe_radii             ? 
_refine.pdbx_solvent_shrinkage_radii             0.9000 
_refine.pdbx_real_space_R                        ? 
_refine.pdbx_density_correlation                 ? 
_refine.pdbx_pd_number_of_powder_patterns        ? 
_refine.pdbx_pd_number_of_points                 ? 
_refine.pdbx_pd_meas_number_of_points            ? 
_refine.pdbx_pd_proc_ls_prof_R_factor            ? 
_refine.pdbx_pd_proc_ls_prof_wR_factor           ? 
_refine.pdbx_pd_Marquardt_correlation_coeff      ? 
_refine.pdbx_pd_Fsqrd_R_factor                   ? 
_refine.pdbx_pd_ls_matrix_band_width             ? 
_refine.pdbx_overall_phase_error                 9.9221 
_refine.pdbx_overall_SU_R_free_Cruickshank_DPI   ? 
_refine.pdbx_overall_SU_R_free_Blow_DPI          ? 
_refine.pdbx_overall_SU_R_Blow_DPI               ? 
_refine.pdbx_TLS_residual_ADP_flag               ? 
_refine.pdbx_diffrn_id                           1 
_refine.overall_SU_B                             ? 
_refine.overall_SU_ML                            0.0406 
_refine.overall_SU_R_Cruickshank_DPI             ? 
_refine.overall_SU_R_free                        ? 
_refine.overall_FOM_free_R_set                   ? 
_refine.overall_FOM_work_R_set                   ? 
_refine.pdbx_average_fsc_overall                 ? 
_refine.pdbx_average_fsc_work                    ? 
_refine.pdbx_average_fsc_free                    ? 
# 
_refine_hist.pdbx_refine_id                   'X-RAY DIFFRACTION' 
_refine_hist.cycle_id                         LAST 
_refine_hist.details                          ? 
_refine_hist.d_res_high                       0.91 
_refine_hist.d_res_low                        16.84 
_refine_hist.number_atoms_solvent             11 
_refine_hist.number_atoms_total               234 
_refine_hist.number_reflns_all                ? 
_refine_hist.number_reflns_obs                ? 
_refine_hist.number_reflns_R_free             ? 
_refine_hist.number_reflns_R_work             ? 
_refine_hist.R_factor_all                     ? 
_refine_hist.R_factor_obs                     ? 
_refine_hist.R_factor_R_free                  ? 
_refine_hist.R_factor_R_work                  ? 
_refine_hist.pdbx_number_residues_total       ? 
_refine_hist.pdbx_B_iso_mean_ligand           ? 
_refine_hist.pdbx_B_iso_mean_solvent          ? 
_refine_hist.pdbx_number_atoms_protein        164 
_refine_hist.pdbx_number_atoms_nucleic_acid   0 
_refine_hist.pdbx_number_atoms_ligand         59 
_refine_hist.pdbx_number_atoms_lipid          ? 
_refine_hist.pdbx_number_atoms_carb           ? 
_refine_hist.pdbx_pseudo_atom_details         ? 
# 
loop_
_refine_ls_restr.pdbx_refine_id 
_refine_ls_restr.criterion 
_refine_ls_restr.dev_ideal 
_refine_ls_restr.dev_ideal_target 
_refine_ls_restr.number 
_refine_ls_restr.rejects 
_refine_ls_restr.type 
_refine_ls_restr.weight 
_refine_ls_restr.pdbx_restraint_function 
'X-RAY DIFFRACTION' ? 0.0117  ? 256 ? f_bond_d           ? ? 
'X-RAY DIFFRACTION' ? 1.9379  ? 352 ? f_angle_d          ? ? 
'X-RAY DIFFRACTION' ? 0.0786  ? 23  ? f_chiral_restr     ? ? 
'X-RAY DIFFRACTION' ? 0.0156  ? 40  ? f_plane_restr      ? ? 
'X-RAY DIFFRACTION' ? 29.0610 ? 71  ? f_dihedral_angle_d ? ? 
# 
loop_
_refine_ls_shell.pdbx_refine_id 
_refine_ls_shell.d_res_high 
_refine_ls_shell.d_res_low 
_refine_ls_shell.number_reflns_all 
_refine_ls_shell.number_reflns_obs 
_refine_ls_shell.number_reflns_R_free 
_refine_ls_shell.number_reflns_R_work 
_refine_ls_shell.percent_reflns_obs 
_refine_ls_shell.percent_reflns_R_free 
_refine_ls_shell.R_factor_all 
_refine_ls_shell.R_factor_obs 
_refine_ls_shell.R_factor_R_free_error 
_refine_ls_shell.R_factor_R_work 
_refine_ls_shell.redundancy_reflns_all 
_refine_ls_shell.redundancy_reflns_obs 
_refine_ls_shell.wR_factor_all 
_refine_ls_shell.wR_factor_obs 
_refine_ls_shell.wR_factor_R_free 
_refine_ls_shell.wR_factor_R_work 
_refine_ls_shell.pdbx_R_complete 
_refine_ls_shell.pdbx_total_number_of_bins_used 
_refine_ls_shell.pdbx_phase_error 
_refine_ls_shell.pdbx_fsc_work 
_refine_ls_shell.pdbx_fsc_free 
_refine_ls_shell.R_factor_R_free 
'X-RAY DIFFRACTION' 0.91 0.93  . . 138 1194 94.54  . . . . 0.1449 . . . . . . . . . . . 0.1768 
'X-RAY DIFFRACTION' 0.93 0.95  . . 146 1283 100.00 . . . . 0.1318 . . . . . . . . . . . 0.1651 
'X-RAY DIFFRACTION' 0.95 0.97  . . 149 1301 99.93  . . . . 0.1186 . . . . . . . . . . . 0.1261 
'X-RAY DIFFRACTION' 0.97 0.99  . . 140 1280 100.00 . . . . 0.1150 . . . . . . . . . . . 0.1356 
'X-RAY DIFFRACTION' 0.99 1.01  . . 137 1231 100.00 . . . . 0.1089 . . . . . . . . . . . 0.1254 
'X-RAY DIFFRACTION' 1.01 1.04  . . 148 1273 99.93  . . . . 0.1072 . . . . . . . . . . . 0.0942 
'X-RAY DIFFRACTION' 1.04 1.07  . . 142 1334 99.80  . . . . 0.1058 . . . . . . . . . . . 0.1259 
'X-RAY DIFFRACTION' 1.07 1.11  . . 127 1226 99.12  . . . . 0.1017 . . . . . . . . . . . 0.1102 
'X-RAY DIFFRACTION' 1.11 1.15  . . 141 1285 100.00 . . . . 0.0877 . . . . . . . . . . . 0.0924 
'X-RAY DIFFRACTION' 1.15 1.19  . . 142 1307 99.04  . . . . 0.0862 . . . . . . . . . . . 0.1065 
'X-RAY DIFFRACTION' 1.19 1.25  . . 132 1197 96.94  . . . . 0.0853 . . . . . . . . . . . 0.0997 
'X-RAY DIFFRACTION' 1.25 1.31  . . 142 1306 99.86  . . . . 0.0930 . . . . . . . . . . . 0.1044 
'X-RAY DIFFRACTION' 1.31 1.39  . . 143 1259 99.86  . . . . 0.0961 . . . . . . . . . . . 0.1236 
'X-RAY DIFFRACTION' 1.39 1.50  . . 142 1289 100.00 . . . . 0.0914 . . . . . . . . . . . 0.1237 
'X-RAY DIFFRACTION' 1.50 1.65  . . 134 1258 99.93  . . . . 0.0912 . . . . . . . . . . . 0.1007 
'X-RAY DIFFRACTION' 1.65 1.89  . . 138 1301 99.79  . . . . 0.0881 . . . . . . . . . . . 0.0864 
'X-RAY DIFFRACTION' 1.89 2.38  . . 136 1241 98.08  . . . . 0.0819 . . . . . . . . . . . 0.0849 
'X-RAY DIFFRACTION' 2.38 16.84 . . 143 1290 100.00 . . . . 0.0976 . . . . . . . . . . . 0.1317 
# 
_struct.entry_id                     8VPE 
_struct.title                        'UIC-10-BIF extension of UIC-1' 
_struct.pdbx_model_details           ? 
_struct.pdbx_formula_weight          ? 
_struct.pdbx_formula_weight_method   ? 
_struct.pdbx_model_type_details      ? 
_struct.pdbx_CASP_flag               N 
# 
_struct_keywords.entry_id        8VPE 
_struct_keywords.text            'synthetic construct, DE NOVO PROTEIN' 
_struct_keywords.pdbx_keywords   'DE NOVO PROTEIN' 
# 
loop_
_struct_asym.id 
_struct_asym.pdbx_blank_PDB_chainid_flag 
_struct_asym.pdbx_modified 
_struct_asym.entity_id 
_struct_asym.details 
A N N 1 ? 
B N N 1 ? 
C N N 2 ? 
D N N 2 ? 
E N N 2 ? 
F N N 2 ? 
G N N 2 ? 
H N N 2 ? 
I N N 2 ? 
J N N 3 ? 
K N N 3 ? 
# 
_struct_ref.id                         1 
_struct_ref.db_name                    PDB 
_struct_ref.db_code                    8VPE 
_struct_ref.pdbx_db_accession          8VPE 
_struct_ref.pdbx_db_isoform            ? 
_struct_ref.entity_id                  1 
_struct_ref.pdbx_seq_one_letter_code   ? 
_struct_ref.pdbx_align_begin           1 
# 
loop_
_struct_ref_seq.align_id 
_struct_ref_seq.ref_id 
_struct_ref_seq.pdbx_PDB_id_code 
_struct_ref_seq.pdbx_strand_id 
_struct_ref_seq.seq_align_beg 
_struct_ref_seq.pdbx_seq_align_beg_ins_code 
_struct_ref_seq.seq_align_end 
_struct_ref_seq.pdbx_seq_align_end_ins_code 
_struct_ref_seq.pdbx_db_accession 
_struct_ref_seq.db_align_beg 
_struct_ref_seq.pdbx_db_align_beg_ins_code 
_struct_ref_seq.db_align_end 
_struct_ref_seq.pdbx_db_align_end_ins_code 
_struct_ref_seq.pdbx_auth_seq_align_beg 
_struct_ref_seq.pdbx_auth_seq_align_end 
1 1 8VPE A 1 ? 12 ? 8VPE 1 ? 12 ? 1 12 
2 1 8VPE B 1 ? 12 ? 8VPE 1 ? 12 ? 1 12 
# 
loop_
_pdbx_struct_assembly.id 
_pdbx_struct_assembly.details 
_pdbx_struct_assembly.method_details 
_pdbx_struct_assembly.oligomeric_details 
_pdbx_struct_assembly.oligomeric_count 
1 author_defined_assembly ? monomeric 1 
2 author_defined_assembly ? monomeric 1 
# 
loop_
_pdbx_struct_assembly_gen.assembly_id 
_pdbx_struct_assembly_gen.oper_expression 
_pdbx_struct_assembly_gen.asym_id_list 
1 1 A,C,D,E,J   
2 1 B,F,G,H,I,K 
# 
_pdbx_struct_oper_list.id                   1 
_pdbx_struct_oper_list.type                 'identity operation' 
_pdbx_struct_oper_list.name                 1_555 
_pdbx_struct_oper_list.symmetry_operation   x,y,z 
_pdbx_struct_oper_list.matrix[1][1]         1.0000000000 
_pdbx_struct_oper_list.matrix[1][2]         0.0000000000 
_pdbx_struct_oper_list.matrix[1][3]         0.0000000000 
_pdbx_struct_oper_list.vector[1]            0.0000000000 
_pdbx_struct_oper_list.matrix[2][1]         0.0000000000 
_pdbx_struct_oper_list.matrix[2][2]         1.0000000000 
_pdbx_struct_oper_list.matrix[2][3]         0.0000000000 
_pdbx_struct_oper_list.vector[2]            0.0000000000 
_pdbx_struct_oper_list.matrix[3][1]         0.0000000000 
_pdbx_struct_oper_list.matrix[3][2]         0.0000000000 
_pdbx_struct_oper_list.matrix[3][3]         1.0000000000 
_pdbx_struct_oper_list.vector[3]            0.0000000000 
# 
loop_
_struct_conf.conf_type_id 
_struct_conf.id 
_struct_conf.pdbx_PDB_helix_id 
_struct_conf.beg_label_comp_id 
_struct_conf.beg_label_asym_id 
_struct_conf.beg_label_seq_id 
_struct_conf.pdbx_beg_PDB_ins_code 
_struct_conf.end_label_comp_id 
_struct_conf.end_label_asym_id 
_struct_conf.end_label_seq_id 
_struct_conf.pdbx_end_PDB_ins_code 
_struct_conf.beg_auth_comp_id 
_struct_conf.beg_auth_asym_id 
_struct_conf.beg_auth_seq_id 
_struct_conf.end_auth_comp_id 
_struct_conf.end_auth_asym_id 
_struct_conf.end_auth_seq_id 
_struct_conf.pdbx_PDB_helix_class 
_struct_conf.details 
_struct_conf.pdbx_PDB_helix_length 
HELX_P HELX_P1 AA1 AIB A 2 ? LEU A 11 ? AIB A 2 LEU A 11 1 ? 10 
HELX_P HELX_P2 AA2 LEU B 3 ? LEU B 11 ? LEU B 3 LEU B 11 1 ? 9  
# 
_struct_conf_type.id          HELX_P 
_struct_conf_type.criteria    ? 
_struct_conf_type.reference   ? 
# 
loop_
_struct_conn.id 
_struct_conn.conn_type_id 
_struct_conn.pdbx_leaving_atom_flag 
_struct_conn.pdbx_PDB_id 
_struct_conn.ptnr1_label_asym_id 
_struct_conn.ptnr1_label_comp_id 
_struct_conn.ptnr1_label_seq_id 
_struct_conn.ptnr1_label_atom_id 
_struct_conn.pdbx_ptnr1_label_alt_id 
_struct_conn.pdbx_ptnr1_PDB_ins_code 
_struct_conn.pdbx_ptnr1_standard_comp_id 
_struct_conn.ptnr1_symmetry 
_struct_conn.ptnr2_label_asym_id 
_struct_conn.ptnr2_label_comp_id 
_struct_conn.ptnr2_label_seq_id 
_struct_conn.ptnr2_label_atom_id 
_struct_conn.pdbx_ptnr2_label_alt_id 
_struct_conn.pdbx_ptnr2_PDB_ins_code 
_struct_conn.ptnr1_auth_asym_id 
_struct_conn.ptnr1_auth_comp_id 
_struct_conn.ptnr1_auth_seq_id 
_struct_conn.ptnr2_auth_asym_id 
_struct_conn.ptnr2_auth_comp_id 
_struct_conn.ptnr2_auth_seq_id 
_struct_conn.ptnr2_symmetry 
_struct_conn.pdbx_ptnr3_label_atom_id 
_struct_conn.pdbx_ptnr3_label_seq_id 
_struct_conn.pdbx_ptnr3_label_comp_id 
_struct_conn.pdbx_ptnr3_label_asym_id 
_struct_conn.pdbx_ptnr3_label_alt_id 
_struct_conn.pdbx_ptnr3_PDB_ins_code 
_struct_conn.details 
_struct_conn.pdbx_dist_value 
_struct_conn.pdbx_value_order 
_struct_conn.pdbx_role 
covale1  covale both ? A Z7Z 1  C1 ? ? ? 1_555 A AIB 2  N   ? ? A Z7Z 1  A AIB 2  1_555 ? ? ? ? ? ? ? 1.420 ? ? 
covale2  covale both ? A AIB 2  C  ? ? ? 1_555 A LEU 3  N   ? ? A AIB 2  A LEU 3  1_555 ? ? ? ? ? ? ? 1.330 ? ? 
covale3  covale both ? A LEU 3  C  ? ? ? 1_555 A AIB 4  N   ? ? A LEU 3  A AIB 4  1_555 ? ? ? ? ? ? ? 1.333 ? ? 
covale4  covale both ? A AIB 4  C  ? ? ? 1_555 A ALA 5  N   ? ? A AIB 4  A ALA 5  1_555 ? ? ? ? ? ? ? 1.335 ? ? 
covale5  covale both ? A ALA 5  C  ? ? ? 1_555 A AIB 6  N   ? ? A ALA 5  A AIB 6  1_555 ? ? ? ? ? ? ? 1.333 ? ? 
covale6  covale both ? A AIB 6  C  ? ? ? 1_555 A LEU 7  N   ? ? A AIB 6  A LEU 7  1_555 ? ? ? ? ? ? ? 1.330 ? ? 
covale7  covale both ? A LEU 7  C  ? ? ? 1_555 A AIB 8  N   ? ? A LEU 7  A AIB 8  1_555 ? ? ? ? ? ? ? 1.334 ? ? 
covale8  covale both ? A AIB 8  C  ? ? ? 1_555 A GLN 9  N   ? ? A AIB 8  A GLN 9  1_555 ? ? ? ? ? ? ? 1.340 ? ? 
covale9  covale both ? A GLN 9  C  ? ? ? 1_555 A AIB 10 N   ? ? A GLN 9  A AIB 10 1_555 ? ? ? ? ? ? ? 1.331 ? ? 
covale10 covale both ? A AIB 10 C  ? ? ? 1_555 A LEU 11 N   ? ? A AIB 10 A LEU 11 1_555 ? ? ? ? ? ? ? 1.335 ? ? 
covale11 covale one  ? A LEU 11 C  ? ? ? 1_555 A I77 12 N15 ? ? A LEU 11 A I77 12 1_555 ? ? ? ? ? ? ? 1.409 ? ? 
covale12 covale both ? B Z7Z 1  C1 ? ? ? 1_555 B AIB 2  N   ? ? B Z7Z 1  B AIB 2  1_555 ? ? ? ? ? ? ? 1.417 ? ? 
covale13 covale both ? B AIB 2  C  ? ? ? 1_555 B LEU 3  N   A ? B AIB 2  B LEU 3  1_555 ? ? ? ? ? ? ? 1.327 ? ? 
covale14 covale both ? B AIB 2  C  ? ? ? 1_555 B LEU 3  N   B ? B AIB 2  B LEU 3  1_555 ? ? ? ? ? ? ? 1.329 ? ? 
covale15 covale both ? B LEU 3  C  A ? ? 1_555 B AIB 4  N   ? ? B LEU 3  B AIB 4  1_555 ? ? ? ? ? ? ? 1.331 ? ? 
covale16 covale both ? B LEU 3  C  B ? ? 1_555 B AIB 4  N   ? ? B LEU 3  B AIB 4  1_555 ? ? ? ? ? ? ? 1.328 ? ? 
covale17 covale both ? B AIB 4  C  ? ? ? 1_555 B ALA 5  N   ? ? B AIB 4  B ALA 5  1_555 ? ? ? ? ? ? ? 1.328 ? ? 
covale18 covale both ? B ALA 5  C  ? ? ? 1_555 B AIB 6  N   ? ? B ALA 5  B AIB 6  1_555 ? ? ? ? ? ? ? 1.328 ? ? 
covale19 covale both ? B AIB 6  C  ? ? ? 1_555 B LEU 7  N   A ? B AIB 6  B LEU 7  1_555 ? ? ? ? ? ? ? 1.319 ? ? 
covale20 covale both ? B AIB 6  C  ? ? ? 1_555 B LEU 7  N   B ? B AIB 6  B LEU 7  1_555 ? ? ? ? ? ? ? 1.335 ? ? 
covale21 covale both ? B LEU 7  C  A ? ? 1_555 B AIB 8  N   ? ? B LEU 7  B AIB 8  1_555 ? ? ? ? ? ? ? 1.332 ? ? 
covale22 covale both ? B LEU 7  C  B ? ? 1_555 B AIB 8  N   ? ? B LEU 7  B AIB 8  1_555 ? ? ? ? ? ? ? 1.327 ? ? 
covale23 covale both ? B AIB 8  C  ? ? ? 1_555 B GLN 9  N   A ? B AIB 8  B GLN 9  1_555 ? ? ? ? ? ? ? 1.342 ? ? 
covale24 covale both ? B AIB 8  C  ? ? ? 1_555 B GLN 9  N   B ? B AIB 8  B GLN 9  1_555 ? ? ? ? ? ? ? 1.315 ? ? 
covale25 covale both ? B GLN 9  C  A ? ? 1_555 B AIB 10 N   ? ? B GLN 9  B AIB 10 1_555 ? ? ? ? ? ? ? 1.330 ? ? 
covale26 covale both ? B GLN 9  C  B ? ? 1_555 B AIB 10 N   ? ? B GLN 9  B AIB 10 1_555 ? ? ? ? ? ? ? 1.331 ? ? 
covale27 covale both ? B AIB 10 C  ? ? ? 1_555 B LEU 11 N   A ? B AIB 10 B LEU 11 1_555 ? ? ? ? ? ? ? 1.332 ? ? 
covale28 covale both ? B AIB 10 C  ? ? ? 1_555 B LEU 11 N   B ? B AIB 10 B LEU 11 1_555 ? ? ? ? ? ? ? 1.330 ? ? 
covale29 covale one  ? B LEU 11 C  A ? ? 1_555 B I77 12 N15 ? ? B LEU 11 B I77 12 1_555 ? ? ? ? ? ? ? 1.425 ? ? 
covale30 covale one  ? B LEU 11 C  B ? ? 1_555 B I77 12 N15 ? ? B LEU 11 B I77 12 1_555 ? ? ? ? ? ? ? 1.429 ? ? 
# 
_struct_conn_type.id          covale 
_struct_conn_type.criteria    ? 
_struct_conn_type.reference   ? 
# 
_pdbx_entry_details.entry_id                   8VPE 
_pdbx_entry_details.has_ligand_of_interest     Y 
_pdbx_entry_details.compound_details           ? 
_pdbx_entry_details.source_details             ? 
_pdbx_entry_details.nonpolymer_details         ? 
_pdbx_entry_details.sequence_details           ? 
_pdbx_entry_details.has_protein_modification   ? 
# 
loop_
_space_group_symop.id 
_space_group_symop.operation_xyz 
1 x,y,z           
2 x+1/2,-y+1/2,-z 
3 -x,y+1/2,-z+1/2 
4 -x+1/2,-y,z+1/2 
# 
loop_
_chem_comp_atom.comp_id 
_chem_comp_atom.atom_id 
_chem_comp_atom.type_symbol 
_chem_comp_atom.pdbx_aromatic_flag 
_chem_comp_atom.pdbx_stereo_config 
_chem_comp_atom.pdbx_ordinal 
AIB N    N N N 1   
AIB CA   C N N 2   
AIB C    C N N 3   
AIB O    O N N 4   
AIB OXT  O N N 5   
AIB CB1  C N N 6   
AIB CB2  C N N 7   
AIB H    H N N 8   
AIB H2   H N N 9   
AIB HXT  H N N 10  
AIB HB11 H N N 11  
AIB HB12 H N N 12  
AIB HB13 H N N 13  
AIB HB21 H N N 14  
AIB HB22 H N N 15  
AIB HB23 H N N 16  
ALA N    N N N 17  
ALA CA   C N S 18  
ALA C    C N N 19  
ALA O    O N N 20  
ALA CB   C N N 21  
ALA OXT  O N N 22  
ALA H    H N N 23  
ALA H2   H N N 24  
ALA HA   H N N 25  
ALA HB1  H N N 26  
ALA HB2  H N N 27  
ALA HB3  H N N 28  
ALA HXT  H N N 29  
CCN N    N N N 30  
CCN C1   C N N 31  
CCN C2   C N N 32  
CCN H21  H N N 33  
CCN H22  H N N 34  
CCN H23  H N N 35  
GLN N    N N N 36  
GLN CA   C N S 37  
GLN C    C N N 38  
GLN O    O N N 39  
GLN CB   C N N 40  
GLN CG   C N N 41  
GLN CD   C N N 42  
GLN OE1  O N N 43  
GLN NE2  N N N 44  
GLN OXT  O N N 45  
GLN H    H N N 46  
GLN H2   H N N 47  
GLN HA   H N N 48  
GLN HB2  H N N 49  
GLN HB3  H N N 50  
GLN HG2  H N N 51  
GLN HG3  H N N 52  
GLN HE21 H N N 53  
GLN HE22 H N N 54  
GLN HXT  H N N 55  
HOH O    O N N 56  
HOH H1   H N N 57  
HOH H2   H N N 58  
I77 C11  C Y N 59  
I77 C12  C Y N 60  
I77 C13  C N N 61  
I77 C17  C Y N 62  
I77 C18  C Y N 63  
I77 C02  C N N 64  
I77 C03  C Y N 65  
I77 C04  C Y N 66  
I77 C05  C Y N 67  
I77 C06  C Y N 68  
I77 C08  C Y N 69  
I77 C09  C Y N 70  
I77 N01  N N N 71  
I77 N07  N Y N 72  
I77 N10  N Y N 73  
I77 N14  N N N 74  
I77 N15  N N N 75  
I77 O16  O N N 76  
I77 O19  O N N 77  
I77 H111 H N N 78  
I77 H171 H N N 79  
I77 H181 H N N 80  
I77 H041 H N N 81  
I77 H051 H N N 82  
I77 H061 H N N 83  
I77 H011 H N N 84  
I77 H012 H N N 85  
I77 H141 H N N 86  
I77 H1   H N N 87  
I77 H2   H N N 88  
LEU N    N N N 89  
LEU CA   C N S 90  
LEU C    C N N 91  
LEU O    O N N 92  
LEU CB   C N N 93  
LEU CG   C N N 94  
LEU CD1  C N N 95  
LEU CD2  C N N 96  
LEU OXT  O N N 97  
LEU H    H N N 98  
LEU H2   H N N 99  
LEU HA   H N N 100 
LEU HB2  H N N 101 
LEU HB3  H N N 102 
LEU HG   H N N 103 
LEU HD11 H N N 104 
LEU HD12 H N N 105 
LEU HD13 H N N 106 
LEU HD21 H N N 107 
LEU HD22 H N N 108 
LEU HD23 H N N 109 
LEU HXT  H N N 110 
Z7Z O1   O N N 111 
Z7Z C1   C N N 112 
Z7Z O2   O N N 113 
Z7Z C2   C Y N 114 
Z7Z C3   C Y N 115 
Z7Z C4   C Y N 116 
Z7Z C5   C Y N 117 
Z7Z C6   C Y N 118 
Z7Z C7   C Y N 119 
Z7Z C8   C Y N 120 
Z7Z C9   C Y N 121 
Z7Z C10  C Y N 122 
Z7Z C11  C Y N 123 
Z7Z C12  C Y N 124 
Z7Z C13  C Y N 125 
Z7Z H1O  H N N 126 
Z7Z H31  H N N 127 
Z7Z H41  H N N 128 
Z7Z H51  H N N 129 
Z7Z H61  H N N 130 
Z7Z H91  H N N 131 
Z7Z H101 H N N 132 
Z7Z H111 H N N 133 
Z7Z H121 H N N 134 
Z7Z H131 H N N 135 
# 
loop_
_chem_comp_bond.comp_id 
_chem_comp_bond.atom_id_1 
_chem_comp_bond.atom_id_2 
_chem_comp_bond.value_order 
_chem_comp_bond.pdbx_aromatic_flag 
_chem_comp_bond.pdbx_stereo_config 
_chem_comp_bond.pdbx_ordinal 
AIB N   CA   sing N N 1   
AIB N   H    sing N N 2   
AIB N   H2   sing N N 3   
AIB CA  C    sing N N 4   
AIB CA  CB1  sing N N 5   
AIB CA  CB2  sing N N 6   
AIB C   O    doub N N 7   
AIB C   OXT  sing N N 8   
AIB OXT HXT  sing N N 9   
AIB CB1 HB11 sing N N 10  
AIB CB1 HB12 sing N N 11  
AIB CB1 HB13 sing N N 12  
AIB CB2 HB21 sing N N 13  
AIB CB2 HB22 sing N N 14  
AIB CB2 HB23 sing N N 15  
ALA N   CA   sing N N 16  
ALA N   H    sing N N 17  
ALA N   H2   sing N N 18  
ALA CA  C    sing N N 19  
ALA CA  CB   sing N N 20  
ALA CA  HA   sing N N 21  
ALA C   O    doub N N 22  
ALA C   OXT  sing N N 23  
ALA CB  HB1  sing N N 24  
ALA CB  HB2  sing N N 25  
ALA CB  HB3  sing N N 26  
ALA OXT HXT  sing N N 27  
CCN N   C1   trip N N 28  
CCN C1  C2   sing N N 29  
CCN C2  H21  sing N N 30  
CCN C2  H22  sing N N 31  
CCN C2  H23  sing N N 32  
GLN N   CA   sing N N 33  
GLN N   H    sing N N 34  
GLN N   H2   sing N N 35  
GLN CA  C    sing N N 36  
GLN CA  CB   sing N N 37  
GLN CA  HA   sing N N 38  
GLN C   O    doub N N 39  
GLN C   OXT  sing N N 40  
GLN CB  CG   sing N N 41  
GLN CB  HB2  sing N N 42  
GLN CB  HB3  sing N N 43  
GLN CG  CD   sing N N 44  
GLN CG  HG2  sing N N 45  
GLN CG  HG3  sing N N 46  
GLN CD  OE1  doub N N 47  
GLN CD  NE2  sing N N 48  
GLN NE2 HE21 sing N N 49  
GLN NE2 HE22 sing N N 50  
GLN OXT HXT  sing N N 51  
HOH O   H1   sing N N 52  
HOH O   H2   sing N N 53  
I77 N15 N14  sing N N 54  
I77 O16 C13  doub N N 55  
I77 N14 C13  sing N N 56  
I77 C13 C12  sing N N 57  
I77 C12 C17  doub Y N 58  
I77 C12 C11  sing Y N 59  
I77 C17 C18  sing Y N 60  
I77 C11 N10  doub Y N 61  
I77 C18 C09  doub Y N 62  
I77 N10 C09  sing Y N 63  
I77 C09 C08  sing N N 64  
I77 C08 N07  doub Y N 65  
I77 C08 C05  sing Y N 66  
I77 N07 C06  sing Y N 67  
I77 C05 C04  doub Y N 68  
I77 C06 C03  doub Y N 69  
I77 C04 C03  sing Y N 70  
I77 C03 C02  sing N N 71  
I77 C02 N01  sing N N 72  
I77 C02 O19  doub N N 73  
I77 C11 H111 sing N N 74  
I77 C17 H171 sing N N 75  
I77 C18 H181 sing N N 76  
I77 C04 H041 sing N N 77  
I77 C05 H051 sing N N 78  
I77 C06 H061 sing N N 79  
I77 N01 H011 sing N N 80  
I77 N01 H012 sing N N 81  
I77 N14 H141 sing N N 82  
I77 N15 H1   sing N N 83  
I77 N15 H2   sing N N 84  
LEU N   CA   sing N N 85  
LEU N   H    sing N N 86  
LEU N   H2   sing N N 87  
LEU CA  C    sing N N 88  
LEU CA  CB   sing N N 89  
LEU CA  HA   sing N N 90  
LEU C   O    doub N N 91  
LEU C   OXT  sing N N 92  
LEU CB  CG   sing N N 93  
LEU CB  HB2  sing N N 94  
LEU CB  HB3  sing N N 95  
LEU CG  CD1  sing N N 96  
LEU CG  CD2  sing N N 97  
LEU CG  HG   sing N N 98  
LEU CD1 HD11 sing N N 99  
LEU CD1 HD12 sing N N 100 
LEU CD1 HD13 sing N N 101 
LEU CD2 HD21 sing N N 102 
LEU CD2 HD22 sing N N 103 
LEU CD2 HD23 sing N N 104 
LEU OXT HXT  sing N N 105 
Z7Z O1  C1   sing N N 106 
Z7Z O1  H1O  sing N N 107 
Z7Z C1  O2   doub N N 108 
Z7Z C1  C2   sing N N 109 
Z7Z C2  C3   doub Y N 110 
Z7Z C2  C5   sing Y N 111 
Z7Z C3  C4   sing Y N 112 
Z7Z C3  H31  sing N N 113 
Z7Z C4  C7   doub Y N 114 
Z7Z C4  H41  sing N N 115 
Z7Z C5  C6   doub Y N 116 
Z7Z C5  H51  sing N N 117 
Z7Z C6  C7   sing Y N 118 
Z7Z C6  H61  sing N N 119 
Z7Z C7  C8   sing N N 120 
Z7Z C8  C9   doub Y N 121 
Z7Z C8  C10  sing Y N 122 
Z7Z C9  C11  sing Y N 123 
Z7Z C9  H91  sing N N 124 
Z7Z C10 C12  doub Y N 125 
Z7Z C10 H101 sing N N 126 
Z7Z C11 C13  doub Y N 127 
Z7Z C11 H111 sing N N 128 
Z7Z C12 C13  sing Y N 129 
Z7Z C12 H121 sing N N 130 
Z7Z C13 H131 sing N N 131 
# 
_pdbx_audit_support.funding_organization   'Department of Energy (DOE, United States)' 
_pdbx_audit_support.country                'United States' 
_pdbx_audit_support.grant_number           DE-AC02-06CH11357 
_pdbx_audit_support.ordinal                1 
# 
_pdbx_initial_refinement_model.id               1 
_pdbx_initial_refinement_model.entity_id_list   ? 
_pdbx_initial_refinement_model.type             'experimental model' 
_pdbx_initial_refinement_model.source_name      PDB 
_pdbx_initial_refinement_model.accession_code   8GK9 
_pdbx_initial_refinement_model.details          ? 
# 
_space_group.name_H-M_alt     'P 21 21 21' 
_space_group.name_Hall        'P 2ac 2ab' 
_space_group.IT_number        19 
_space_group.crystal_system   orthorhombic 
_space_group.id               1 
# 
_atom_sites.entry_id                    8VPE 
_atom_sites.Cartn_transf_matrix[1][1]   ? 
_atom_sites.Cartn_transf_matrix[1][2]   ? 
_atom_sites.Cartn_transf_matrix[1][3]   ? 
_atom_sites.Cartn_transf_matrix[2][1]   ? 
_atom_sites.Cartn_transf_matrix[2][2]   ? 
_atom_sites.Cartn_transf_matrix[2][3]   ? 
_atom_sites.Cartn_transf_matrix[3][1]   ? 
_atom_sites.Cartn_transf_matrix[3][2]   ? 
_atom_sites.Cartn_transf_matrix[3][3]   ? 
_atom_sites.Cartn_transf_vector[1]      ? 
_atom_sites.Cartn_transf_vector[2]      ? 
_atom_sites.Cartn_transf_vector[3]      ? 
_atom_sites.Cartn_transform_axes        ? 
_atom_sites.fract_transf_matrix[1][1]   0.03783360 
_atom_sites.fract_transf_matrix[1][2]   0.08099329 
_atom_sites.fract_transf_matrix[1][3]   0.02528807 
_atom_sites.fract_transf_matrix[2][1]   -0.02397155 
_atom_sites.fract_transf_matrix[2][2]   0.01289924 
_atom_sites.fract_transf_matrix[2][3]   -0.00545006 
_atom_sites.fract_transf_matrix[3][1]   -0.00627183 
_atom_sites.fract_transf_matrix[3][2]   -0.00326820 
_atom_sites.fract_transf_matrix[3][3]   0.01985080 
_atom_sites.fract_transf_vector[1]      0.070149 
_atom_sites.fract_transf_vector[2]      -0.280009 
_atom_sites.fract_transf_vector[3]      0.271351 
_atom_sites.solution_primary            ? 
_atom_sites.solution_secondary          ? 
_atom_sites.solution_hydrogens          ? 
_atom_sites.special_details             ? 
# 
loop_
_atom_type.symbol 
_atom_type.scat_dispersion_real 
_atom_type.scat_dispersion_imag 
_atom_type.scat_Cromer_Mann_a1 
_atom_type.scat_Cromer_Mann_a2 
_atom_type.scat_Cromer_Mann_a3 
_atom_type.scat_Cromer_Mann_a4 
_atom_type.scat_Cromer_Mann_b1 
_atom_type.scat_Cromer_Mann_b2 
_atom_type.scat_Cromer_Mann_b3 
_atom_type.scat_Cromer_Mann_b4 
_atom_type.scat_Cromer_Mann_c 
_atom_type.scat_source 
_atom_type.scat_dispersion_source 
C ? ? 2.51340 1.74867 1.72398 ? 31.80534 0.44561  10.58317 ? 0.0 
;3-Gaussian fit: Grosse-Kunstleve RW, Sauter NK, Adams PD: Newsletter of the IUCr Commission on Crystallographic Computing 2004, 3, 22-31.
;
? 
H ? ? 0.53795 0.34799 0.11320 ? 10.08003 29.74760 2.57510  ? 0.0 
;3-Gaussian fit: Grosse-Kunstleve RW, Sauter NK, Adams PD: Newsletter of the IUCr Commission on Crystallographic Computing 2004, 3, 22-31.
;
? 
N ? ? 2.99955 2.25584 1.72788 ? 23.27268 7.45433  0.31622  ? 0.0 
;3-Gaussian fit: Grosse-Kunstleve RW, Sauter NK, Adams PD: Newsletter of the IUCr Commission on Crystallographic Computing 2004, 3, 22-31.
;
? 
O ? ? 4.49882 3.47563 ?       ? 15.80542 1.70748  ?        ? 0.0 
;2-Gaussian fit: Grosse-Kunstleve RW, Sauter NK, Adams PD: Newsletter of the IUCr Commission on Crystallographic Computing 2004, 3, 22-31.
;
? 
# 
loop_
_atom_site.group_PDB 
_atom_site.id 
_atom_site.type_symbol 
_atom_site.label_atom_id 
_atom_site.label_alt_id 
_atom_site.label_comp_id 
_atom_site.label_asym_id 
_atom_site.label_entity_id 
_atom_site.label_seq_id 
_atom_site.pdbx_PDB_ins_code 
_atom_site.Cartn_x 
_atom_site.Cartn_y 
_atom_site.Cartn_z 
_atom_site.occupancy 
_atom_site.B_iso_or_equiv 
_atom_site.pdbx_formal_charge 
_atom_site.auth_seq_id 
_atom_site.auth_comp_id 
_atom_site.auth_asym_id 
_atom_site.auth_atom_id 
_atom_site.pdbx_PDB_model_num 
HETATM 1   O O1   . Z7Z A 1 1  ? 5.65520   -3.94892 -6.71339  1.000 5.49540  ? 1   Z7Z A O1   1 
HETATM 2   C C1   . Z7Z A 1 1  ? 6.48830   -4.83632 -6.52833  1.000 5.44539  ? 1   Z7Z A C1   1 
HETATM 3   C C2   . Z7Z A 1 1  ? 7.91675   -4.73695 -6.97785  1.000 5.16115  ? 1   Z7Z A C2   1 
HETATM 4   C C3   . Z7Z A 1 1  ? 8.20489   -3.88204 -8.01994  1.000 5.36380  ? 1   Z7Z A C3   1 
HETATM 5   C C4   . Z7Z A 1 1  ? 9.49886   -3.82546 -8.52430  1.000 5.41118  ? 1   Z7Z A C4   1 
HETATM 6   C C5   . Z7Z A 1 1  ? 8.90772   -5.50388 -6.39718  1.000 5.19273  ? 1   Z7Z A C5   1 
HETATM 7   C C6   . Z7Z A 1 1  ? 10.19369  -5.44968 -6.90764  1.000 5.40065  ? 1   Z7Z A C6   1 
HETATM 8   C C7   . Z7Z A 1 1  ? 10.49875  -4.61561 -7.98179  1.000 5.23221  ? 1   Z7Z A C7   1 
HETATM 9   C C8   . Z7Z A 1 1  ? 11.88516  -4.63941 -8.58377  1.000 5.88492  ? 1   Z7Z A C8   1 
HETATM 10  C C9   . Z7Z A 1 1  ? 12.02499  -4.45873 -9.96313  1.000 6.03230  ? 1   Z7Z A C9   1 
HETATM 11  C C10  . Z7Z A 1 1  ? 12.99810  -4.96738 -7.83178  1.000 7.41668  ? 1   Z7Z A C10  1 
HETATM 12  C C11  . Z7Z A 1 1  ? 13.27258  -4.54221 -10.55934 1.000 7.06664  ? 1   Z7Z A C11  1 
HETATM 13  C C12  . Z7Z A 1 1  ? 14.25081  -5.04831 -8.42914  1.000 8.72210  ? 1   Z7Z A C12  1 
HETATM 14  C C13  . Z7Z A 1 1  ? 14.38391  -4.83133 -9.78979  1.000 8.25362  ? 1   Z7Z A C13  1 
HETATM 15  H H31  . Z7Z A 1 1  ? 7.42664   -3.25863 -8.44451  1.000 6.45000  ? 1   Z7Z A H31  1 
HETATM 16  H H41  . Z7Z A 1 1  ? 9.72709   -3.15912 -9.34674  1.000 6.50000  ? 1   Z7Z A H41  1 
HETATM 17  H H51  . Z7Z A 1 1  ? 8.68097   -6.14037 -5.55132  1.000 6.24000  ? 1   Z7Z A H51  1 
HETATM 18  H H61  . Z7Z A 1 1  ? 10.97077  -6.06238 -6.46788  1.000 6.49000  ? 1   Z7Z A H61  1 
HETATM 19  H H91  . Z7Z A 1 1  ? 11.15221  -4.25156 -10.56996 1.000 7.25000  ? 1   Z7Z A H91  1 
HETATM 20  H H101 . Z7Z A 1 1  ? 12.89363  -5.16350 -6.77182  1.000 8.91000  ? 1   Z7Z A H101 1 
HETATM 21  H H111 . Z7Z A 1 1  ? 13.37698  -4.38096 -11.62508 1.000 8.49000  ? 1   Z7Z A H111 1 
HETATM 22  H H121 . Z7Z A 1 1  ? 15.12177  -5.28114 -7.82924  1.000 10.47000 ? 1   Z7Z A H121 1 
HETATM 23  H H131 . Z7Z A 1 1  ? 15.36111  -4.88972 -10.25287 1.000 9.91000  ? 1   Z7Z A H131 1 
HETATM 24  N N    . AIB A 1 2  ? 6.08363   -6.15610 -6.19619  1.000 5.95335  ? 2   AIB A N    1 
HETATM 25  C CA   . AIB A 1 2  ? 4.68932   -6.50569 -6.07644  1.000 6.62185  ? 2   AIB A CA   1 
HETATM 26  C C    . AIB A 1 2  ? 3.93231   -5.50450 -5.18582  1.000 6.31655  ? 2   AIB A C    1 
HETATM 27  O O    . AIB A 1 2  ? 2.86755   -4.98225 -5.51162  1.000 6.95873  ? 2   AIB A O    1 
HETATM 28  C CB1  . AIB A 1 2  ? 4.01472   -6.58269 -7.45831  1.000 7.42194  ? 2   AIB A CB1  1 
HETATM 29  C CB2  . AIB A 1 2  ? 4.59766   -7.88735 -5.40825  1.000 7.61144  ? 2   AIB A CB2  1 
HETATM 30  H H    . AIB A 1 2  ? 6.65247   -6.97793 -6.14540  1.000 7.15000  ? 2   AIB A H    1 
HETATM 31  H HB11 . AIB A 1 2  ? 2.93658   -6.84316 -7.33652  1.000 8.92000  ? 2   AIB A HB11 1 
HETATM 32  H HB12 . AIB A 1 2  ? 4.09935   -5.59742 -7.97424  1.000 8.92000  ? 2   AIB A HB12 1 
HETATM 33  H HB13 . AIB A 1 2  ? 4.51435   -7.36618 -8.07700  1.000 8.92000  ? 2   AIB A HB13 1 
HETATM 34  H HB21 . AIB A 1 2  ? 3.52303   -8.18310 -5.32938  1.000 9.14000  ? 2   AIB A HB21 1 
HETATM 35  H HB22 . AIB A 1 2  ? 5.15171   -8.63116 -6.02975  1.000 9.14000  ? 2   AIB A HB22 1 
HETATM 36  H HB23 . AIB A 1 2  ? 5.05116   -7.83006 -4.38929  1.000 9.14000  ? 2   AIB A HB23 1 
ATOM   37  N N    . LEU A 1 3  ? 4.49823   -5.26909 -4.00542  1.000 6.14021  ? 3   LEU A N    1 
ATOM   38  C CA   . LEU A 1 3  ? 3.81863   -4.43640 -3.02890  1.000 6.52973  ? 3   LEU A CA   1 
ATOM   39  C C    . LEU A 1 3  ? 3.92214   -2.93170 -3.31535  1.000 5.19799  ? 3   LEU A C    1 
ATOM   40  O O    . LEU A 1 3  ? 2.94883   -2.18883 -3.12901  1.000 5.29800  ? 3   LEU A O    1 
ATOM   41  C CB   . LEU A 1 3  ? 4.24748   -4.77108 -1.60669  1.000 9.78012  ? 3   LEU A CB   1 
ATOM   42  C CG   . LEU A 1 3  ? 4.11700   -6.24156 -1.20211  1.000 12.35674 ? 3   LEU A CG   1 
ATOM   43  C CD1  . LEU A 1 3  ? 4.85448   -6.51824 0.10530   1.000 15.09128 ? 3   LEU A CD1  1 
ATOM   44  C CD2  . LEU A 1 3  ? 2.65742   -6.62805 -1.10163  1.000 13.32265 ? 3   LEU A CD2  1 
ATOM   45  H H    . LEU A 1 3  ? 5.26168   -5.57569 -3.75417  1.000 7.38000  ? 3   LEU A H    1 
ATOM   46  H HA   . LEU A 1 3  ? 2.87272   -4.64255 -3.09525  1.000 7.84000  ? 3   LEU A HA   1 
ATOM   47  H HB2  . LEU A 1 3  ? 5.18053   -4.52710 -1.50633  1.000 11.74000 ? 3   LEU A HB2  1 
ATOM   48  H HB3  . LEU A 1 3  ? 3.70133   -4.25370 -0.99555  1.000 11.74000 ? 3   LEU A HB3  1 
ATOM   49  H HG   . LEU A 1 3  ? 4.52669   -6.79703 -1.88387  1.000 14.83000 ? 3   LEU A HG   1 
ATOM   50  H HD11 . LEU A 1 3  ? 4.75242   -7.45498 0.33390   1.000 18.12000 ? 3   LEU A HD11 1 
ATOM   51  H HD12 . LEU A 1 3  ? 5.79374   -6.30697 -0.01114  1.000 18.12000 ? 3   LEU A HD12 1 
ATOM   52  H HD13 . LEU A 1 3  ? 4.47483   -5.96400 0.80483   1.000 18.12000 ? 3   LEU A HD13 1 
ATOM   53  H HD21 . LEU A 1 3  ? 2.59500   -7.56108 -0.84503  1.000 15.99000 ? 3   LEU A HD21 1 
ATOM   54  H HD22 . LEU A 1 3  ? 2.22961   -6.07216 -0.43084  1.000 15.99000 ? 3   LEU A HD22 1 
ATOM   55  H HD23 . LEU A 1 3  ? 2.23506   -6.49210 -1.96322  1.000 15.99000 ? 3   LEU A HD23 1 
HETATM 56  N N    . AIB A 1 4  ? 5.08798   -2.49046 -3.78730  1.000 5.02165  ? 4   AIB A N    1 
HETATM 57  C CA   . AIB A 1 4  ? 5.25653   -1.12971 -4.25737  1.000 5.16115  ? 4   AIB A CA   1 
HETATM 58  C C    . AIB A 1 4  ? 4.15511   -0.78222 -5.28382  1.000 4.79005  ? 4   AIB A C    1 
HETATM 59  O O    . AIB A 1 4  ? 3.51249   0.27155  -5.25073  1.000 5.32959  ? 4   AIB A O    1 
HETATM 60  C CB1  . AIB A 1 4  ? 5.21769   -0.14347 -3.08179  1.000 5.97966  ? 4   AIB A CB1  1 
HETATM 61  C CB2  . AIB A 1 4  ? 6.61877   -1.02243 -4.96748  1.000 5.46908  ? 4   AIB A CB2  1 
HETATM 62  H H    . AIB A 1 4  ? 5.97673   -2.88864 -3.55508  1.000 6.03000  ? 4   AIB A H    1 
HETATM 63  H HB11 . AIB A 1 4  ? 5.31104   0.90154  -3.46411  1.000 7.18000  ? 4   AIB A HB11 1 
HETATM 64  H HB12 . AIB A 1 4  ? 4.25183   -0.24988 -2.53398  1.000 7.18000  ? 4   AIB A HB12 1 
HETATM 65  H HB13 . AIB A 1 4  ? 6.06240   -0.35566 -2.38381  1.000 7.18000  ? 4   AIB A HB13 1 
HETATM 66  H HB21 . AIB A 1 4  ? 6.74022   0.01238  -5.37020  1.000 6.57000  ? 4   AIB A HB21 1 
HETATM 67  H HB22 . AIB A 1 4  ? 7.43134   -1.24242 -4.23317  1.000 6.57000  ? 4   AIB A HB22 1 
HETATM 68  H HB23 . AIB A 1 4  ? 6.65212   -1.76188 -5.80479  1.000 6.57000  ? 4   AIB A HB23 1 
ATOM   69  N N    . ALA A 1 5  ? 3.96015   -1.70974 -6.22423  1.000 4.80321  ? 5   ALA A N    1 
ATOM   70  C CA   . ALA A 1 5  ? 2.98443   -1.52119 -7.29340  1.000 5.15325  ? 5   ALA A CA   1 
ATOM   71  C C    . ALA A 1 5  ? 1.54656   -1.55445 -6.77334  1.000 4.98218  ? 5   ALA A C    1 
ATOM   72  O O    . ALA A 1 5  ? 0.71101   -0.75300 -7.21217  1.000 5.34538  ? 5   ALA A O    1 
ATOM   73  C CB   . ALA A 1 5  ? 3.18585   -2.56736 -8.37333  1.000 6.21127  ? 5   ALA A CB   1 
ATOM   74  H H    . ALA A 1 5  ? 4.38176   -2.45777 -6.26301  1.000 5.77000  ? 5   ALA A H    1 
ATOM   75  H HA   . ALA A 1 5  ? 3.12467   -0.64450 -7.68437  1.000 6.19000  ? 5   ALA A HA   1 
ATOM   76  H HB1  . ALA A 1 5  ? 4.08399   -2.48445 -8.72984  1.000 7.46000  ? 5   ALA A HB1  1 
ATOM   77  H HB2  . ALA A 1 5  ? 3.06302   -3.44763 -7.98594  1.000 7.46000  ? 5   ALA A HB2  1 
ATOM   78  H HB3  . ALA A 1 5  ? 2.53504   -2.42176 -9.07834  1.000 7.46000  ? 5   ALA A HB3  1 
HETATM 79  N N    . AIB A 1 6  ? 1.25197   -2.49538 -5.87589  1.000 5.04797  ? 6   AIB A N    1 
HETATM 80  C CA   . AIB A 1 6  ? -0.05875  -2.56832 -5.25000  1.000 5.52698  ? 6   AIB A CA   1 
HETATM 81  C C    . AIB A 1 6  ? -0.43914  -1.19041 -4.67093  1.000 4.91375  ? 6   AIB A C    1 
HETATM 82  O O    . AIB A 1 6  ? -1.53946  -0.66533 -4.83871  1.000 5.36117  ? 6   AIB A O    1 
HETATM 83  C CB1  . AIB A 1 6  ? -1.12752  -3.02605 -6.26283  1.000 6.41130  ? 6   AIB A CB1  1 
HETATM 84  C CB2  . AIB A 1 6  ? -0.01108  -3.56529 -4.07531  1.000 5.99019  ? 6   AIB A CB2  1 
HETATM 85  H H    . AIB A 1 6  ? 1.71933   -3.37890 -5.81000  1.000 6.06000  ? 6   AIB A H    1 
HETATM 86  H HB11 . AIB A 1 6  ? -2.13212  -3.02553 -5.77547  1.000 7.70000  ? 6   AIB A HB11 1 
HETATM 87  H HB12 . AIB A 1 6  ? -1.14141  -2.33174 -7.13592  1.000 7.70000  ? 6   AIB A HB12 1 
HETATM 88  H HB13 . AIB A 1 6  ? -0.89211  -4.05767 -6.61732  1.000 7.70000  ? 6   AIB A HB13 1 
HETATM 89  H HB21 . AIB A 1 6  ? -1.02762  -3.63824 -3.61762  1.000 7.20000  ? 6   AIB A HB21 1 
HETATM 90  H HB22 . AIB A 1 6  ? 0.30575   -4.56524 -4.45830  1.000 7.20000  ? 6   AIB A HB22 1 
HETATM 91  H HB23 . AIB A 1 6  ? 0.72198   -3.19951 -3.31639  1.000 7.20000  ? 6   AIB A HB23 1 
ATOM   92  N N    . LEU A 1 7  ? 0.52796   -0.61699 -3.96099  1.000 4.77952  ? 7   LEU A N    1 
ATOM   93  C CA   . LEU A 1 7  ? 0.32899   0.67973  -3.31249  1.000 4.69793  ? 7   LEU A CA   1 
ATOM   94  C C    . LEU A 1 7  ? 0.11438   1.78466  -4.34807  1.000 4.74267  ? 7   LEU A C    1 
ATOM   95  O O    . LEU A 1 7  ? -0.81329  2.58638  -4.23847  1.000 5.19799  ? 7   LEU A O    1 
ATOM   96  C CB   . LEU A 1 7  ? 1.53552   0.99026  -2.42369  1.000 5.01376  ? 7   LEU A CB   1 
ATOM   97  C CG   . LEU A 1 7  ? 1.52814   2.31856  -1.66700  1.000 5.69805  ? 7   LEU A CG   1 
ATOM   98  C CD1  . LEU A 1 7  ? 0.29660   2.46170  -0.78625  1.000 6.64290  ? 7   LEU A CD1  1 
ATOM   99  C CD2  . LEU A 1 7  ? 2.80615   2.44824  -0.85332  1.000 6.45341  ? 7   LEU A CD2  1 
ATOM   100 H H    . LEU A 1 7  ? 1.30883   -0.95669 -3.83921  1.000 5.74000  ? 7   LEU A H    1 
ATOM   101 H HA   . LEU A 1 7  ? -0.46331  0.65514  -2.75371  1.000 5.65000  ? 7   LEU A HA   1 
ATOM   102 H HB2  . LEU A 1 7  ? 1.60258   0.28771  -1.75809  1.000 6.02000  ? 7   LEU A HB2  1 
ATOM   103 H HB3  . LEU A 1 7  ? 2.32548   0.99180  -2.98595  1.000 6.02000  ? 7   LEU A HB3  1 
ATOM   104 H HG   . LEU A 1 7  ? 1.49188   3.04657  -2.30594  1.000 6.85000  ? 7   LEU A HG   1 
ATOM   105 H HD11 . LEU A 1 7  ? 0.26139   1.71494  -0.16767  1.000 7.98000  ? 7   LEU A HD11 1 
ATOM   106 H HD12 . LEU A 1 7  ? 0.35416   3.29520  -0.29432  1.000 7.98000  ? 7   LEU A HD12 1 
ATOM   107 H HD13 . LEU A 1 7  ? -0.49452  2.46298  -1.34809  1.000 7.98000  ? 7   LEU A HD13 1 
ATOM   108 H HD21 . LEU A 1 7  ? 2.85232   1.71493  -0.21956  1.000 7.75000  ? 7   LEU A HD21 1 
ATOM   109 H HD22 . LEU A 1 7  ? 3.56766   2.41529  -1.45361  1.000 7.75000  ? 7   LEU A HD22 1 
ATOM   110 H HD23 . LEU A 1 7  ? 2.79488   3.29446  -0.37999  1.000 7.75000  ? 7   LEU A HD23 1 
HETATM 111 N N    . AIB A 1 8  ? 0.98426   1.80977  -5.35890  1.000 4.83479  ? 8   AIB A N    1 
HETATM 112 C CA   . AIB A 1 8  ? 0.86905   2.77909  -6.43953  1.000 5.03745  ? 8   AIB A CA   1 
HETATM 113 C C    . AIB A 1 8  ? -0.56230  2.74488  -7.00992  1.000 5.04534  ? 8   AIB A C    1 
HETATM 114 O O    . AIB A 1 8  ? -1.23694  3.76341  -7.19445  1.000 5.55593  ? 8   AIB A O    1 
HETATM 115 C CB1  . AIB A 1 8  ? 1.18547   4.19353  -5.92516  1.000 5.74543  ? 8   AIB A CB1  1 
HETATM 116 C CB2  . AIB A 1 8  ? 1.84717   2.41445  -7.56526  1.000 5.57435  ? 8   AIB A CB2  1 
HETATM 117 H H    . AIB A 1 8  ? 1.53347   1.02615  -5.65091  1.000 5.81000  ? 8   AIB A H    1 
HETATM 118 H HB11 . AIB A 1 8  ? 1.09734   4.92699  -6.76112  1.000 6.90000  ? 8   AIB A HB11 1 
HETATM 119 H HB12 . AIB A 1 8  ? 0.46635   4.46856  -5.11664  1.000 6.90000  ? 8   AIB A HB12 1 
HETATM 120 H HB13 . AIB A 1 8  ? 2.22381   4.22257  -5.51801  1.000 6.90000  ? 8   AIB A HB13 1 
HETATM 121 H HB21 . AIB A 1 8  ? 1.73675   3.15129  -8.39709  1.000 6.70000  ? 8   AIB A HB21 1 
HETATM 122 H HB22 . AIB A 1 8  ? 2.89015   2.44632  -7.16679  1.000 6.70000  ? 8   AIB A HB22 1 
HETATM 123 H HB23 . AIB A 1 8  ? 1.61200   1.38687  -7.93401  1.000 6.70000  ? 8   AIB A HB23 1 
ATOM   124 N N    . GLN A 1 9  ? -1.05459  1.53304  -7.30022  1.000 4.94270  ? 9   GLN A N    1 
ATOM   125 C CA   . GLN A 1 9  ? -2.37881  1.44161  -7.93217  1.000 5.09272  ? 9   GLN A CA   1 
ATOM   126 C C    . GLN A 1 9  ? -3.47614  1.89769  -6.97236  1.000 4.94533  ? 9   GLN A C    1 
ATOM   127 O O    . GLN A 1 9  ? -4.39573  2.59779  -7.38331  1.000 5.50592  ? 9   GLN A O    1 
ATOM   128 C CB   . GLN A 1 9  ? -2.65719  0.03747  -8.45194  1.000 5.24273  ? 9   GLN A CB   1 
ATOM   129 C CG   . GLN A 1 9  ? -1.81177  -0.29800 -9.66362  1.000 5.90860  ? 9   GLN A CG   1 
ATOM   130 C CD   . GLN A 1 9  ? -2.30034  -1.52104 -10.41956 1.000 6.40077  ? 9   GLN A CD   1 
ATOM   131 O OE1  . GLN A 1 9  ? -3.49315  -1.80448 -10.46411 1.000 6.75081  ? 9   GLN A OE1  1 
ATOM   132 N NE2  . GLN A 1 9  ? -1.36372  -2.27193 -10.98824 1.000 7.87463  ? 9   GLN A NE2  1 
ATOM   133 H H    . GLN A 1 9  ? -0.65898  0.78478  -7.14874  1.000 5.94000  ? 9   GLN A H    1 
ATOM   134 H HA   . GLN A 1 9  ? -2.39409  2.03014  -8.70316  1.000 6.12000  ? 9   GLN A HA   1 
ATOM   135 H HB2  . GLN A 1 9  ? -2.45648  -0.60554 -7.75448  1.000 6.30000  ? 9   GLN A HB2  1 
ATOM   136 H HB3  . GLN A 1 9  ? -3.59061  -0.02881 -8.70575  1.000 6.30000  ? 9   GLN A HB3  1 
ATOM   137 H HG2  . GLN A 1 9  ? -1.82609  0.45461  -10.27460 1.000 7.10000  ? 9   GLN A HG2  1 
ATOM   138 H HG3  . GLN A 1 9  ? -0.90236  -0.47171 -9.37305  1.000 7.10000  ? 9   GLN A HG3  1 
ATOM   139 H HE21 . GLN A 1 9  ? -0.53463  -2.05371 -10.91435 1.000 9.46000  ? 9   GLN A HE21 1 
ATOM   140 H HE22 . GLN A 1 9  ? -1.58554  -2.97586 -11.42899 1.000 9.46000  ? 9   GLN A HE22 1 
HETATM 141 N N    . AIB A 1 10 ? -3.38787  1.52400  -5.69815  1.000 4.93743  ? 10  AIB A N    1 
HETATM 142 C CA   . AIB A 1 10 ? -4.39150  1.91516  -4.71836  1.000 5.12167  ? 10  AIB A CA   1 
HETATM 143 C C    . AIB A 1 10 ? -4.57909  3.44760  -4.71323  1.000 5.01376  ? 10  AIB A C    1 
HETATM 144 O O    . AIB A 1 10 ? -5.67342  3.97555  -4.51346  1.000 5.62173  ? 10  AIB A O    1 
HETATM 145 C CB1  . AIB A 1 10 ? -5.74888  1.23158  -4.99119  1.000 5.64278  ? 10  AIB A CB1  1 
HETATM 146 C CB2  . AIB A 1 10 ? -3.88565  1.53125  -3.32344  1.000 5.75859  ? 10  AIB A CB2  1 
HETATM 147 H H    . AIB A 1 10 ? -2.53361  1.27332  -5.24021  1.000 5.93000  ? 10  AIB A H    1 
HETATM 148 H HB11 . AIB A 1 10 ? -5.62186  0.12318  -4.97431  1.000 6.78000  ? 10  AIB A HB11 1 
HETATM 149 H HB12 . AIB A 1 10 ? -6.48450  1.53007  -4.20738  1.000 6.78000  ? 10  AIB A HB12 1 
HETATM 150 H HB13 . AIB A 1 10 ? -6.13246  1.54209  -5.99225  1.000 6.78000  ? 10  AIB A HB13 1 
HETATM 151 H HB21 . AIB A 1 10 ? -3.00938  2.17338  -3.06507  1.000 6.92000  ? 10  AIB A HB21 1 
HETATM 152 H HB22 . AIB A 1 10 ? -4.70518  1.69049  -2.58164  1.000 6.92000  ? 10  AIB A HB22 1 
HETATM 153 H HB23 . AIB A 1 10 ? -3.58118  0.45699  -3.32874  1.000 6.92000  ? 10  AIB A HB23 1 
ATOM   154 N N    . LEU A 1 11 ? -3.47056  4.16539  -4.90511  1.000 5.25853  ? 11  LEU A N    1 
ATOM   155 C CA   . LEU A 1 11 ? -3.46866  5.62496  -4.83618  1.000 5.61383  ? 11  LEU A CA   1 
ATOM   156 C C    . LEU A 1 11 ? -3.70335  6.31062  -6.15944  1.000 6.15337  ? 11  LEU A C    1 
ATOM   157 O O    . LEU A 1 11 ? -3.87025  7.51166  -6.25541  1.000 6.96662  ? 11  LEU A O    1 
ATOM   158 C CB   . LEU A 1 11 ? -2.14120  6.11306  -4.25255  1.000 6.80871  ? 11  LEU A CB   1 
ATOM   159 C CG   . LEU A 1 11 ? -1.82365  5.56047  -2.87696  1.000 7.70882  ? 11  LEU A CG   1 
ATOM   160 C CD1  . LEU A 1 11 ? -0.43599  6.04567  -2.47329  1.000 8.94318  ? 11  LEU A CD1  1 
ATOM   161 C CD2  . LEU A 1 11 ? -2.85477  5.97047  -1.85392  1.000 9.05898  ? 11  LEU A CD2  1 
ATOM   162 H H    . LEU A 1 11 ? -2.69903  3.82578  -5.07819  1.000 6.32000  ? 11  LEU A H    1 
ATOM   163 H HA   . LEU A 1 11 ? -4.20939  5.88058  -4.26380  1.000 6.74000  ? 11  LEU A HA   1 
ATOM   164 H HB2  . LEU A 1 11 ? -1.42503  5.84670  -4.84932  1.000 8.18000  ? 11  LEU A HB2  1 
ATOM   165 H HB3  . LEU A 1 11 ? -2.17194  7.08024  -4.18158  1.000 8.18000  ? 11  LEU A HB3  1 
ATOM   166 H HG   . LEU A 1 11 ? -1.84001  4.59116  -2.90371  1.000 9.26000  ? 11  LEU A HG   1 
ATOM   167 H HD11 . LEU A 1 11 ? -0.22657  5.70409  -1.58970  1.000 10.74000 ? 11  LEU A HD11 1 
ATOM   168 H HD12 . LEU A 1 11 ? 0.21240   5.71766  -3.11650  1.000 10.74000 ? 11  LEU A HD12 1 
ATOM   169 H HD13 . LEU A 1 11 ? -0.43095  7.01504  -2.46285  1.000 10.74000 ? 11  LEU A HD13 1 
ATOM   170 H HD21 . LEU A 1 11 ? -2.58749  5.63370  -0.98416  1.000 10.88000 ? 11  LEU A HD21 1 
ATOM   171 H HD22 . LEU A 1 11 ? -2.90993  6.93876  -1.83083  1.000 10.88000 ? 11  LEU A HD22 1 
ATOM   172 H HD23 . LEU A 1 11 ? -3.71443  5.59539  -2.10342  1.000 10.88000 ? 11  LEU A HD23 1 
HETATM 173 C C11  . I77 A 1 12 ? -5.85340  7.22659  -11.20704 1.000 6.28233  ? 12  I77 A C11  1 
HETATM 174 C C12  . I77 A 1 12 ? -4.70428  6.75050  -10.63361 1.000 5.84807  ? 12  I77 A C12  1 
HETATM 175 C C13  . I77 A 1 12 ? -4.80024  6.34472  -9.19040  1.000 5.86912  ? 12  I77 A C13  1 
HETATM 176 C C17  . I77 A 1 12 ? -3.57973  6.52608  -11.42460 1.000 6.20864  ? 12  I77 A C17  1 
HETATM 177 C C18  . I77 A 1 12 ? -3.68752  6.81212  -12.77462 1.000 6.24812  ? 12  I77 A C18  1 
HETATM 178 C C02  . I77 A 1 12 ? -5.56096  7.73754  -18.93497 1.000 6.46393  ? 12  I77 A C02  1 
HETATM 179 C C03  . I77 A 1 12 ? -5.46114  7.69645  -17.41338 1.000 6.11915  ? 12  I77 A C03  1 
HETATM 180 C C04  . I77 A 1 12 ? -6.47016  8.16662  -16.57940 1.000 6.73239  ? 12  I77 A C04  1 
HETATM 181 C C05  . I77 A 1 12 ? -6.26624  8.03752  -15.21457 1.000 6.67975  ? 12  I77 A C05  1 
HETATM 182 C C06  . I77 A 1 12 ? -4.32125  7.14094  -16.88036 1.000 6.04546  ? 12  I77 A C06  1 
HETATM 183 C C08  . I77 A 1 12 ? -5.08022  7.50857  -14.74010 1.000 5.91650  ? 12  I77 A C08  1 
HETATM 184 C C09  . I77 A 1 12 ? -4.89591  7.29405  -13.26708 1.000 5.91124  ? 12  I77 A C09  1 
HETATM 185 N N01  . I77 A 1 12 ? -6.79379  8.17118  -19.47495 1.000 7.54301  ? 12  I77 A N01  1 
HETATM 186 N N07  . I77 A 1 12 ? -4.15357  7.03929  -15.57130 1.000 5.98756  ? 12  I77 A N07  1 
HETATM 187 N N10  . I77 A 1 12 ? -5.94439  7.50819  -12.48348 1.000 6.18232  ? 12  I77 A N10  1 
HETATM 188 N N14  . I77 A 1 12 ? -3.58138  6.00610  -8.56276  1.000 6.16390  ? 12  I77 A N14  1 
HETATM 189 N N15  . I77 A 1 12 ? -3.63011  5.47040  -7.28843  1.000 6.05336  ? 12  I77 A N15  1 
HETATM 190 O O16  . I77 A 1 12 ? -5.86549  6.18371  -8.66069  1.000 6.33497  ? 12  I77 A O16  1 
HETATM 191 O O19  . I77 A 1 12 ? -4.66300  7.37871  -19.64345 1.000 6.48236  ? 12  I77 A O19  1 
HETATM 192 H H111 . I77 A 1 12 ? -6.71952  7.37725  -10.58115 1.000 7.55000  ? 12  I77 A H111 1 
HETATM 193 H H171 . I77 A 1 12 ? -2.65415  6.14066  -10.99817 1.000 7.46000  ? 12  I77 A H171 1 
HETATM 194 H H181 . I77 A 1 12 ? -2.83993  6.66187  -13.44026 1.000 7.50000  ? 12  I77 A H181 1 
HETATM 195 H H041 . I77 A 1 12 ? -7.36492  8.60944  -16.97497 1.000 8.09000  ? 12  I77 A H041 1 
HETATM 196 H H051 . I77 A 1 12 ? -7.03646  8.35021  -14.52003 1.000 8.02000  ? 12  I77 A H051 1 
HETATM 197 H H061 . I77 A 1 12 ? -3.54603  6.78179  -17.54382 1.000 7.26000  ? 12  I77 A H061 1 
HETATM 198 H H011 . I77 A 1 12 ? -7.53662  8.45886  -18.87354 1.000 9.06000  ? 12  I77 A H011 1 
HETATM 199 H H012 . I77 A 1 12 ? -6.91382  8.21016  -20.47461 1.000 9.06000  ? 12  I77 A H012 1 
HETATM 200 H H141 . I77 A 1 12 ? -2.70284  6.14997  -9.03007  1.000 7.40000  ? 12  I77 A H141 1 
HETATM 201 H H1   . I77 A 1 12 ? -4.48611  4.95143  -7.15600  1.000 7.27000  ? 12  I77 A H1   1 
HETATM 202 C C1   . Z7Z B 1 1  ? 6.05965   -0.40160 8.41029   1.000 5.97703  ? 1   Z7Z B C1   1 
HETATM 203 O O2   . Z7Z B 1 1  ? 4.83276   -0.36392 8.27726   1.000 6.20338  ? 1   Z7Z B O2   1 
HETATM 204 C C2   . Z7Z B 1 1  ? 6.72803   -1.05318 9.59274   1.000 5.79806  ? 1   Z7Z B C2   1 
HETATM 205 C C3   . Z7Z B 1 1  ? 7.95334   -1.69289 9.49982   1.000 5.87702  ? 1   Z7Z B C3   1 
HETATM 206 C C4   . Z7Z B 1 1  ? 8.53194   -2.25926 10.63184  1.000 5.97966  ? 1   Z7Z B C4   1 
HETATM 207 C C5   . Z7Z B 1 1  ? 6.08459   -0.98328 10.80541  1.000 6.30076  ? 1   Z7Z B C5   1 
HETATM 208 C C6   . Z7Z B 1 1  ? 6.67641   -1.51404 11.94323  1.000 6.14547  ? 1   Z7Z B C6   1 
HETATM 209 C C7   . Z7Z B 1 1  ? 7.89615   -2.16625 11.86560  1.000 5.91650  ? 1   Z7Z B C7   1 
HETATM 210 C C8   . Z7Z B 1 1  ? 8.53459   -2.72453 13.13569  1.000 6.83766  ? 1   Z7Z B C8   1 
HETATM 211 C C9   . Z7Z B 1 1  ? 9.91708   -2.76923 13.26046  1.000 8.15098  ? 1   Z7Z B C9   1 
HETATM 212 C C10  . Z7Z B 1 1  ? 7.75795   -3.13070 14.20985  1.000 7.22718  ? 1   Z7Z B C10  1 
HETATM 213 C C11  . Z7Z B 1 1  ? 10.51693  -3.25120 14.41734  1.000 8.82474  ? 1   Z7Z B C11  1 
HETATM 214 C C12  . Z7Z B 1 1  ? 8.35453   -3.62478 15.36264  1.000 7.87463  ? 1   Z7Z B C12  1 
HETATM 215 C C13  . Z7Z B 1 1  ? 9.73055   -3.67950 15.46673  1.000 8.59840  ? 1   Z7Z B C13  1 
HETATM 216 H H31  . Z7Z B 1 1  ? 8.46201   -1.75158 8.54472   1.000 7.06000  ? 1   Z7Z B H31  1 
HETATM 217 H H41  . Z7Z B 1 1  ? 9.48037   -2.77502 10.55253  1.000 7.18000  ? 1   Z7Z B H41  1 
HETATM 218 H H51  . Z7Z B 1 1  ? 5.11121   -0.51208 10.87375  1.000 7.57000  ? 1   Z7Z B H51  1 
HETATM 219 H H61  . Z7Z B 1 1  ? 6.18123   -1.41644 12.90050  1.000 7.38000  ? 1   Z7Z B H61  1 
HETATM 220 H H91  . Z7Z B 1 1  ? 10.53823  -2.42320 12.44256  1.000 9.79000  ? 1   Z7Z B H91  1 
HETATM 221 H H101 . Z7Z B 1 1  ? 6.67794   -3.06272 14.14945  1.000 8.68000  ? 1   Z7Z B H101 1 
HETATM 222 H H111 . Z7Z B 1 1  ? 11.59579  -3.28993 14.49599  1.000 10.60000 ? 1   Z7Z B H111 1 
HETATM 223 H H121 . Z7Z B 1 1  ? 7.73816   -3.96934 16.18336  1.000 9.46000  ? 1   Z7Z B H121 1 
HETATM 224 H H131 . Z7Z B 1 1  ? 10.19216  -4.05812 16.37083  1.000 10.33000 ? 1   Z7Z B H131 1 
HETATM 225 N N    . AIB B 1 2  ? 6.89689   0.43929  7.63491   1.000 6.13495  ? 2   AIB B N    1 
HETATM 226 C CA   . AIB B 1 2  ? 6.35865   1.50280  6.81936   1.000 6.42972  ? 2   AIB B CA   1 
HETATM 227 C C    . AIB B 1 2  ? 5.43705   1.00754  5.69186   1.000 6.29023  ? 2   AIB B C    1 
HETATM 228 O O    . AIB B 1 2  ? 4.29445   1.42238  5.55097   1.000 6.48499  ? 2   AIB B O    1 
HETATM 229 C CB1  . AIB B 1 2  ? 5.57313   2.49973  7.69284   1.000 6.71133  ? 2   AIB B CB1  1 
HETATM 230 C CB2  . AIB B 1 2  ? 7.51494   2.24227  6.13764   1.000 6.87451  ? 2   AIB B CB2  1 
HETATM 231 H H    . AIB B 1 2  ? 7.86321   0.61110  7.83581   1.000 7.37000  ? 2   AIB B H    1 
HETATM 232 H HB11 . AIB B 1 2  ? 5.19931   3.33955  7.06120   1.000 8.06000  ? 2   AIB B HB11 1 
HETATM 233 H HB12 . AIB B 1 2  ? 4.70586   1.98146  8.16684   1.000 8.06000  ? 2   AIB B HB12 1 
HETATM 234 H HB13 . AIB B 1 2  ? 6.23890   2.90700  8.48935   1.000 8.06000  ? 2   AIB B HB13 1 
HETATM 235 H HB21 . AIB B 1 2  ? 7.09644   3.00419  5.43660   1.000 8.25000  ? 2   AIB B HB21 1 
HETATM 236 H HB22 . AIB B 1 2  ? 8.13635   2.74531  6.91786   1.000 8.25000  ? 2   AIB B HB22 1 
HETATM 237 H HB23 . AIB B 1 2  ? 8.13596   1.50689  5.57266   1.000 8.25000  ? 2   AIB B HB23 1 
ATOM   238 N N    A LEU B 1 3  ? 5.94941   0.12472  4.84322   0.270 6.89556  ? 3   LEU B N    1 
ATOM   239 N N    B LEU B 1 3  ? 5.96789   0.11097  4.86696   0.730 6.48236  ? 3   LEU B N    1 
ATOM   240 C CA   A LEU B 1 3  ? 5.13690   -0.33516 3.72205   0.270 7.56670  ? 3   LEU B CA   1 
ATOM   241 C CA   B LEU B 1 3  ? 5.19876   -0.39964 3.74053   0.730 7.23245  ? 3   LEU B CA   1 
ATOM   242 C C    A LEU B 1 3  ? 3.90298   -1.09060 4.21843   0.270 7.31403  ? 3   LEU B C    1 
ATOM   243 C C    B LEU B 1 3  ? 3.91908   -1.06751 4.23794   0.730 7.28772  ? 3   LEU B C    1 
ATOM   244 O O    A LEU B 1 3  ? 2.81547   -0.93927 3.65983   0.270 7.41931  ? 3   LEU B O    1 
ATOM   245 O O    B LEU B 1 3  ? 2.83072   -0.83722 3.70693   0.730 7.70356  ? 3   LEU B O    1 
ATOM   246 C CB   A LEU B 1 3  ? 5.94473   -1.21013 2.75892   0.270 8.56155  ? 3   LEU B CB   1 
ATOM   247 C CB   B LEU B 1 3  ? 6.03744   -1.39512 2.93716   0.730 8.05360  ? 3   LEU B CB   1 
ATOM   248 C CG   A LEU B 1 3  ? 5.41513   -1.35722 1.32216   0.270 8.45101  ? 3   LEU B CG   1 
ATOM   249 C CG   B LEU B 1 3  ? 5.28951   -2.11017 1.80925   0.730 8.04307  ? 3   LEU B CG   1 
ATOM   250 C CD1  A LEU B 1 3  ? 4.71301   -0.10942 0.78240   0.270 8.89317  ? 3   LEU B CD1  1 
ATOM   251 C CD1  B LEU B 1 3  ? 4.71833   -1.10477 0.81767   0.730 8.32468  ? 3   LEU B CD1  1 
ATOM   252 C CD2  A LEU B 1 3  ? 6.54275   -1.76776 0.38791   0.270 8.92212  ? 3   LEU B CD2  1 
ATOM   253 C CD2  B LEU B 1 3  ? 6.23038   -3.09998 1.12508   0.730 9.11162  ? 3   LEU B CD2  1 
ATOM   254 H H    A LEU B 1 3  ? 6.73910   -0.21230 4.89180   0.270 8.28000  ? 3   LEU B H    1 
ATOM   255 H H    B LEU B 1 3  ? 6.76168   -0.21320 4.93806   0.730 7.79000  ? 3   LEU B H    1 
ATOM   256 H HA   A LEU B 1 3  ? 4.83975   0.43964  3.22070   0.270 9.09000  ? 3   LEU B HA   1 
ATOM   257 H HA   B LEU B 1 3  ? 4.95490   0.33107  3.15003   0.730 8.69000  ? 3   LEU B HA   1 
ATOM   258 H HB2  A LEU B 1 3  ? 6.83693   -0.83293 2.69208   0.270 10.28000 ? 3   LEU B HB2  1 
ATOM   259 H HB2  B LEU B 1 3  ? 6.77929   -0.91558 2.53606   0.730 9.67000  ? 3   LEU B HB2  1 
ATOM   260 H HB3  A LEU B 1 3  ? 5.99011   -2.10340 3.13468   0.270 10.28000 ? 3   LEU B HB3  1 
ATOM   261 H HB3  B LEU B 1 3  ? 6.37022   -2.07464 3.54295   0.730 9.67000  ? 3   LEU B HB3  1 
ATOM   262 H HG   A LEU B 1 3  ? 4.73687   -2.04962 1.34737   0.270 10.15000 ? 3   LEU B HG   1 
ATOM   263 H HG   B LEU B 1 3  ? 4.53859   -2.60560 2.17195   0.730 9.66000  ? 3   LEU B HG   1 
ATOM   264 H HD11 A LEU B 1 3  ? 4.56157   -0.21853 -0.16982  0.270 10.68000 ? 3   LEU B HD11 1 
ATOM   265 H HD11 B LEU B 1 3  ? 4.34532   -1.58418 0.06037   0.730 10.00000 ? 3   LEU B HD11 1 
ATOM   266 H HD12 A LEU B 1 3  ? 3.86607   -0.00031 1.24085   0.270 10.68000 ? 3   LEU B HD12 1 
ATOM   267 H HD12 B LEU B 1 3  ? 4.02415   -0.58695 1.25578   0.730 10.00000 ? 3   LEU B HD12 1 
ATOM   268 H HD13 A LEU B 1 3  ? 5.27733   0.66387  0.94046   0.270 10.68000 ? 3   LEU B HD13 1 
ATOM   269 H HD13 B LEU B 1 3  ? 5.42956   -0.51650 0.51821   0.730 10.00000 ? 3   LEU B HD13 1 
ATOM   270 H HD21 A LEU B 1 3  ? 6.16677   -2.01413 -0.47208  0.270 10.71000 ? 3   LEU B HD21 1 
ATOM   271 H HD21 B LEU B 1 3  ? 5.75938   -3.53057 0.39476   0.730 10.94000 ? 3   LEU B HD21 1 
ATOM   272 H HD22 A LEU B 1 3  ? 7.15137   -1.02035 0.27969   0.270 10.71000 ? 3   LEU B HD22 1 
ATOM   273 H HD22 B LEU B 1 3  ? 7.00124   -2.61845 0.78443   0.730 10.94000 ? 3   LEU B HD22 1 
ATOM   274 H HD23 A LEU B 1 3  ? 7.01172   -2.52440 0.77244   0.270 10.71000 ? 3   LEU B HD23 1 
ATOM   275 H HD23 B LEU B 1 3  ? 6.51548   -3.76447 1.77242   0.730 10.94000 ? 3   LEU B HD23 1 
HETATM 276 N N    . AIB B 1 4  ? 4.06141   -1.88441 5.27474   1.000 7.21665  ? 4   AIB B N    1 
HETATM 277 C CA   . AIB B 1 4  ? 2.95805   -2.64235 5.82258   1.000 7.95359  ? 4   AIB B CA   1 
HETATM 278 C C    . AIB B 1 4  ? 1.79562   -1.70773 6.19941   1.000 7.56670  ? 4   AIB B C    1 
HETATM 279 O O    . AIB B 1 4  ? 0.62656   -1.90335 5.87110   1.000 8.12466  ? 4   AIB B O    1 
HETATM 280 C CB1  . AIB B 1 4  ? 2.43235   -3.68670 4.83274   1.000 8.95634  ? 4   AIB B CB1  1 
HETATM 281 C CB2  . AIB B 1 4  ? 3.41108   -3.34249 7.11902   1.000 9.41692  ? 4   AIB B CB2  1 
HETATM 282 H H    . AIB B 1 4  ? 4.78775   -1.79951 5.95875   1.000 8.67000  ? 4   AIB B H    1 
HETATM 283 H HB11 . AIB B 1 4  ? 3.15755   -4.53178 4.75713   1.000 10.75000 ? 4   AIB B HB11 1 
HETATM 284 H HB12 . AIB B 1 4  ? 1.44732   -4.07735 5.18438   1.000 10.75000 ? 4   AIB B HB12 1 
HETATM 285 H HB13 . AIB B 1 4  ? 2.30474   -3.22119 3.82660   1.000 10.75000 ? 4   AIB B HB13 1 
HETATM 286 H HB21 . AIB B 1 4  ? 3.81210   -2.57607 7.82625   1.000 11.31000 ? 4   AIB B HB21 1 
HETATM 287 H HB22 . AIB B 1 4  ? 2.53565   -3.86271 7.57843   1.000 11.31000 ? 4   AIB B HB22 1 
HETATM 288 H HB23 . AIB B 1 4  ? 4.20813   -4.08526 6.87276   1.000 11.31000 ? 4   AIB B HB23 1 
ATOM   289 N N    . ALA B 1 5  ? 2.15197   -0.65055 6.92024   1.000 6.96662  ? 5   ALA B N    1 
ATOM   290 C CA   . ALA B 1 5  ? 1.14537   0.29954  7.38177   1.000 6.89293  ? 5   ALA B CA   1 
ATOM   291 C C    . ALA B 1 5  ? 0.54824   1.08089  6.21347   1.000 6.32707  ? 5   ALA B C    1 
ATOM   292 O O    . ALA B 1 5  ? -0.66631  1.25601  6.13245   1.000 7.00610  ? 5   ALA B O    1 
ATOM   293 C CB   . ALA B 1 5  ? 1.73537   1.24761  8.41110   1.000 7.81936  ? 5   ALA B CB   1 
ATOM   294 H H    . ALA B 1 5  ? 2.95844   -0.46327 7.15280   1.000 8.37000  ? 5   ALA B H    1 
ATOM   295 H HA   . ALA B 1 5  ? 0.42593   -0.19181 7.80923   1.000 8.28000  ? 5   ALA B HA   1 
ATOM   296 H HB1  . ALA B 1 5  ? 2.47370   1.73122  8.00956   1.000 9.39000  ? 5   ALA B HB1  1 
ATOM   297 H HB2  . ALA B 1 5  ? 1.04978   1.87048  8.69831   1.000 9.39000  ? 5   ALA B HB2  1 
ATOM   298 H HB3  . ALA B 1 5  ? 2.05192   0.73192  9.17037   1.000 9.39000  ? 5   ALA B HB3  1 
HETATM 299 N N    . AIB B 1 6  ? 1.41167   1.57015  5.33115   1.000 6.28233  ? 6   AIB B N    1 
HETATM 300 C CA   . AIB B 1 6  ? 0.98088   2.35137  4.18991   1.000 7.25087  ? 6   AIB B CA   1 
HETATM 301 C C    . AIB B 1 6  ? -0.05677  1.58375  3.36626   1.000 6.96399  ? 6   AIB B C    1 
HETATM 302 O O    . AIB B 1 6  ? -1.11123  2.08477  2.97546   1.000 7.79041  ? 6   AIB B O    1 
HETATM 303 C CB1  . AIB B 1 6  ? 0.39333   3.70496  4.62415   1.000 8.17993  ? 6   AIB B CB1  1 
HETATM 304 C CB2  . AIB B 1 6  ? 2.17755   2.62164  3.26429   1.000 8.68262  ? 6   AIB B CB2  1 
HETATM 305 H H    . AIB B 1 6  ? 2.37686   1.75147  5.52901   1.000 7.55000  ? 6   AIB B H    1 
HETATM 306 H HB11 . AIB B 1 6  ? -0.09411  4.20167  3.75150   1.000 9.82000  ? 6   AIB B HB11 1 
HETATM 307 H HB12 . AIB B 1 6  ? -0.36574  3.54614  5.42718   1.000 9.82000  ? 6   AIB B HB12 1 
HETATM 308 H HB13 . AIB B 1 6  ? 1.20738   4.36184  5.01285   1.000 9.82000  ? 6   AIB B HB13 1 
HETATM 309 H HB21 . AIB B 1 6  ? 1.84817   3.27969  2.42462   1.000 10.42000 ? 6   AIB B HB21 1 
HETATM 310 H HB22 . AIB B 1 6  ? 2.98348   3.12691  3.84946   1.000 10.42000 ? 6   AIB B HB22 1 
HETATM 311 H HB23 . AIB B 1 6  ? 2.55345   1.64973  2.86105   1.000 10.42000 ? 6   AIB B HB23 1 
ATOM   312 N N    A LEU B 1 7  ? 0.24532   0.32336  3.11937   0.650 7.06137  ? 7   LEU B N    1 
ATOM   313 N N    B LEU B 1 7  ? 0.29902   0.32989  3.07691   0.350 7.22718  ? 7   LEU B N    1 
ATOM   314 C CA   A LEU B 1 7  ? -0.59144  -0.46549 2.24317   0.650 7.49564  ? 7   LEU B CA   1 
ATOM   315 C CA   B LEU B 1 7  ? -0.55477  -0.57665 2.31289   0.350 7.92990  ? 7   LEU B CA   1 
ATOM   316 C C    A LEU B 1 7  ? -1.90396  -0.88558 2.93660   0.650 7.27719  ? 7   LEU B C    1 
ATOM   317 C C    B LEU B 1 7  ? -1.88979  -0.72561 2.99820   0.350 7.48248  ? 7   LEU B C    1 
ATOM   318 O O    A LEU B 1 7  ? -2.96603  -0.89269 2.30369   0.650 6.91399  ? 7   LEU B O    1 
ATOM   319 O O    B LEU B 1 7  ? -2.93728  -0.42749 2.42758   0.350 7.31930  ? 7   LEU B O    1 
ATOM   320 C CB   A LEU B 1 7  ? 0.22101   -1.65173 1.75573   0.650 7.75356  ? 7   LEU B CB   1 
ATOM   321 C CB   B LEU B 1 7  ? 0.06955   -1.97424 2.22909   0.350 8.91949  ? 7   LEU B CB   1 
ATOM   322 C CG   A LEU B 1 7  ? -0.43869  -2.49390 0.68254   0.650 7.35878  ? 7   LEU B CG   1 
ATOM   323 C CG   B LEU B 1 7  ? 1.03161   -2.27235 1.08695   0.350 7.97201  ? 7   LEU B CG   1 
ATOM   324 C CD1  A LEU B 1 7  ? -0.60889  -1.70500 -0.60866  0.650 7.81146  ? 7   LEU B CD1  1 
ATOM   325 C CD1  B LEU B 1 7  ? 1.62296   -3.66705 1.24161   0.350 8.29573  ? 7   LEU B CD1  1 
ATOM   326 C CD2  A LEU B 1 7  ? 0.38723   -3.74920 0.45125   0.650 8.76421  ? 7   LEU B CD2  1 
ATOM   327 C CD2  B LEU B 1 7  ? 0.33781   -2.12895 -0.25939  0.350 7.86936  ? 7   LEU B CD2  1 
ATOM   328 H H    A LEU B 1 7  ? 0.92304   -0.09382 3.44528   0.650 8.48000  ? 7   LEU B H    1 
ATOM   329 H H    B LEU B 1 7  ? 1.04432   -0.02571 3.31753   0.350 8.68000  ? 7   LEU B H    1 
ATOM   330 H HA   A LEU B 1 7  ? -0.86972  0.04840  1.46916   0.650 9.00000  ? 7   LEU B HA   1 
ATOM   331 H HA   B LEU B 1 7  ? -0.66291  -0.21709 1.41860   0.350 9.52000  ? 7   LEU B HA   1 
ATOM   332 H HB2  A LEU B 1 7  ? 1.05650   -1.32040 1.39166   0.650 9.31000  ? 7   LEU B HB2  1 
ATOM   333 H HB2  B LEU B 1 7  ? 0.56085   -2.12559 3.05154   0.350 10.71000 ? 7   LEU B HB2  1 
ATOM   334 H HB3  A LEU B 1 7  ? 0.39641   -2.23269 2.51274   0.650 9.31000  ? 7   LEU B HB3  1 
ATOM   335 H HB3  B LEU B 1 7  ? -0.65603  -2.61421 2.15350   0.350 10.71000 ? 7   LEU B HB3  1 
ATOM   336 H HG   A LEU B 1 7  ? -1.32658  -2.75363 0.97283   0.650 8.84000  ? 7   LEU B HG   1 
ATOM   337 H HG   B LEU B 1 7  ? 1.75807   -1.63003 1.11330   0.350 9.57000  ? 7   LEU B HG   1 
ATOM   338 H HD11 A LEU B 1 7  ? -0.91286  -2.30482 -1.30769  0.650 9.38000  ? 7   LEU B HD11 1 
ATOM   339 H HD11 B LEU B 1 7  ? 1.49107   -4.15979 0.41606   0.350 9.96000  ? 7   LEU B HD11 1 
ATOM   340 H HD12 A LEU B 1 7  ? -1.26513  -1.00479 -0.46611  0.650 9.38000  ? 7   LEU B HD12 1 
ATOM   341 H HD12 B LEU B 1 7  ? 2.57099   -3.58923 1.43293   0.350 9.96000  ? 7   LEU B HD12 1 
ATOM   342 H HD13 A LEU B 1 7  ? 0.24342   -1.31403 -0.85462  0.650 9.38000  ? 7   LEU B HD13 1 
ATOM   343 H HD13 B LEU B 1 7  ? 1.17520   -4.12110 1.97337   0.350 9.96000  ? 7   LEU B HD13 1 
ATOM   344 H HD21 A LEU B 1 7  ? -0.03179  -4.27927 -0.24399  0.650 10.52000 ? 7   LEU B HD21 1 
ATOM   345 H HD21 B LEU B 1 7  ? 0.94402   -2.41727 -0.95928  0.350 9.45000  ? 7   LEU B HD21 1 
ATOM   346 H HD22 A LEU B 1 7  ? 1.28178   -3.49343 0.17833   0.650 10.52000 ? 7   LEU B HD22 1 
ATOM   347 H HD22 B LEU B 1 7  ? -0.45965  -2.68079 -0.26356  0.350 9.45000  ? 7   LEU B HD22 1 
ATOM   348 H HD23 A LEU B 1 7  ? 0.42649   -4.25708 1.27706   0.650 10.52000 ? 7   LEU B HD23 1 
ATOM   349 H HD23 B LEU B 1 7  ? 0.09611   -1.19898 -0.39284  0.350 9.45000  ? 7   LEU B HD23 1 
HETATM 350 N N    . AIB B 1 8  ? -1.83239  -1.24953 4.21564   1.000 7.74303  ? 8   AIB B N    1 
HETATM 351 C CA   . AIB B 1 8  ? -3.01814  -1.53189 4.99834   1.000 8.85633  ? 8   AIB B CA   1 
HETATM 352 C C    . AIB B 1 8  ? -4.03647  -0.38303 4.93262   1.000 9.77222  ? 8   AIB B C    1 
HETATM 353 O O    . AIB B 1 8  ? -5.24413  -0.57076 4.81315   1.000 12.45149 ? 8   AIB B O    1 
HETATM 354 C CB1  . AIB B 1 8  ? -3.67979  -2.83068 4.48310   1.000 10.66180 ? 8   AIB B CB1  1 
HETATM 355 C CB2  . AIB B 1 8  ? -2.63404  -1.71873 6.47322   1.000 9.21426  ? 8   AIB B CB2  1 
HETATM 356 H H    A AIB B 1 8  ? -1.03209  -1.68175 4.63406   0.650 9.30000  ? 8   AIB B H    1 
HETATM 357 H H    B AIB B 1 8  ? -1.06612  -1.79808 4.55426   0.350 9.30000  ? 8   AIB B H    1 
HETATM 358 H HB11 . AIB B 1 8  ? -4.52247  -3.11769 5.15686   1.000 12.80000 ? 8   AIB B HB11 1 
HETATM 359 H HB12 . AIB B 1 8  ? -4.07235  -2.67040 3.45128   1.000 12.80000 ? 8   AIB B HB12 1 
HETATM 360 H HB13 . AIB B 1 8  ? -2.92747  -3.65481 4.46515   1.000 12.80000 ? 8   AIB B HB13 1 
HETATM 361 H HB21 . AIB B 1 8  ? -3.55409  -1.94362 7.06376   1.000 11.06000 ? 8   AIB B HB21 1 
HETATM 362 H HB22 . AIB B 1 8  ? -1.91199  -2.56716 6.55635   1.000 11.06000 ? 8   AIB B HB22 1 
HETATM 363 H HB23 . AIB B 1 8  ? -2.16060  -0.77929 6.84859   1.000 11.06000 ? 8   AIB B HB23 1 
ATOM   364 N N    A GLN B 1 9  ? -3.48539  0.83426  5.05874   0.590 8.97213  ? 9   GLN B N    1 
ATOM   365 N N    B GLN B 1 9  ? -3.55429  0.83960  4.97203   0.410 9.26164  ? 9   GLN B N    1 
ATOM   366 C CA   A GLN B 1 9  ? -4.24217  2.08860  4.95821   0.590 9.27480  ? 9   GLN B CA   1 
ATOM   367 C CA   B GLN B 1 9  ? -4.50060  1.92704  4.89242   0.410 9.11951  ? 9   GLN B CA   1 
ATOM   368 C C    A GLN B 1 9  ? -4.81343  2.25449  3.54389   0.590 8.47470  ? 9   GLN B C    1 
ATOM   369 C C    B GLN B 1 9  ? -4.88761  2.26917  3.47191   0.410 8.43259  ? 9   GLN B C    1 
ATOM   370 O O    A GLN B 1 9  ? -6.02516  2.35064  3.35522   0.590 9.11688  ? 9   GLN B O    1 
ATOM   371 O O    B GLN B 1 9  ? -6.07048  2.50321  3.20253   0.410 8.88791  ? 9   GLN B O    1 
ATOM   372 C CB   A GLN B 1 9  ? -3.36527  3.33066  5.28901   0.590 9.03003  ? 9   GLN B CB   1 
ATOM   373 C CB   B GLN B 1 9  ? -3.97054  3.13259  5.61294   0.410 7.91147  ? 9   GLN B CB   1 
ATOM   374 C CG   A GLN B 1 9  ? -2.75977  3.42348  6.70154   0.590 8.22730  ? 9   GLN B CG   1 
ATOM   375 C CG   B GLN B 1 9  ? -3.84472  2.86860  7.07844   0.410 7.54301  ? 9   GLN B CG   1 
ATOM   376 C CD   A GLN B 1 9  ? -3.77112  3.71389  7.76209   0.590 7.72198  ? 9   GLN B CD   1 
ATOM   377 C CD   B GLN B 1 9  ? -3.22145  4.02191  7.79008   0.410 8.23520  ? 9   GLN B CD   1 
ATOM   378 O OE1  A GLN B 1 9  ? -4.42153  4.76351  7.76868   0.590 8.25362  ? 9   GLN B OE1  1 
ATOM   379 O OE1  B GLN B 1 9  ? -3.79333  5.10181  7.85407   0.410 8.20098  ? 9   GLN B OE1  1 
ATOM   380 N NE2  A GLN B 1 9  ? -3.93018  2.77012  8.66792   0.590 9.43271  ? 9   GLN B NE2  1 
ATOM   381 N NE2  B GLN B 1 9  ? -2.03068  3.81455  8.32218   0.410 10.09068 ? 9   GLN B NE2  1 
ATOM   382 H H    A GLN B 1 9  ? -2.64814  0.96192  5.20840   0.590 10.77000 ? 9   GLN B H    1 
ATOM   383 H H    B GLN B 1 9  ? -2.72391  1.05403  5.04145   0.410 11.12000 ? 9   GLN B H    1 
ATOM   384 H HA   A GLN B 1 9  ? -4.96209  2.05366  5.60716   0.590 11.14000 ? 9   GLN B HA   1 
ATOM   385 H HA   B GLN B 1 9  ? -5.31942  1.64733  5.33076   0.410 10.95000 ? 9   GLN B HA   1 
ATOM   386 H HB2  A GLN B 1 9  ? -2.62230  3.34362  4.66495   0.590 10.84000 ? 9   GLN B HB2  1 
ATOM   387 H HB2  B GLN B 1 9  ? -3.09317  3.35684  5.26464   0.410 9.50000  ? 9   GLN B HB2  1 
ATOM   388 H HB3  A GLN B 1 9  ? -3.91381  4.12155  5.16735   0.590 10.84000 ? 9   GLN B HB3  1 
ATOM   389 H HB3  B GLN B 1 9  ? -4.57827  3.87811  5.48634   0.410 9.50000  ? 9   GLN B HB3  1 
ATOM   390 H HG2  A GLN B 1 9  ? -2.33611  2.57791  6.91699   0.590 9.88000  ? 9   GLN B HG2  1 
ATOM   391 H HG2  B GLN B 1 9  ? -4.72683  2.71822  7.45438   0.410 9.06000  ? 9   GLN B HG2  1 
ATOM   392 H HG3  A GLN B 1 9  ? -2.10224  4.13656  6.71459   0.590 9.88000  ? 9   GLN B HG3  1 
ATOM   393 H HG3  B GLN B 1 9  ? -3.28719  2.08655  7.21713   0.410 9.06000  ? 9   GLN B HG3  1 
ATOM   394 H HE21 A GLN B 1 9  ? -3.46649  2.04738  8.62112   0.590 11.32000 ? 9   GLN B HE21 1 
ATOM   395 H HE21 B GLN B 1 9  ? -1.65423  3.04491  8.24753   0.410 12.12000 ? 9   GLN B HE21 1 
ATOM   396 H HE22 A GLN B 1 9  ? -4.49808  2.87683  9.30436   0.590 11.32000 ? 9   GLN B HE22 1 
ATOM   397 H HE22 B GLN B 1 9  ? -1.63039  4.44963  8.74217   0.410 12.12000 ? 9   GLN B HE22 1 
HETATM 398 N N    . AIB B 1 10 ? -3.91863  2.31197  2.56112   1.000 6.92715  ? 10  AIB B N    1 
HETATM 399 C CA   . AIB B 1 10 ? -4.23666  2.64321  1.19352   1.000 6.72186  ? 10  AIB B CA   1 
HETATM 400 C C    . AIB B 1 10 ? -5.28678  1.71090  0.55962   1.000 6.60869  ? 10  AIB B C    1 
HETATM 401 O O    . AIB B 1 10 ? -6.09552  2.10061  -0.29416  1.000 7.66408  ? 10  AIB B O    1 
HETATM 402 C CB1  . AIB B 1 10 ? -4.70596  4.10586  1.11620   1.000 7.75883  ? 10  AIB B CB1  1 
HETATM 403 C CB2  . AIB B 1 10 ? -2.97087  2.49686  0.33792   1.000 6.24022  ? 10  AIB B CB2  1 
HETATM 404 H H    . AIB B 1 10 ? -2.94422  2.48256  2.71341   1.000 8.32000  ? 10  AIB B H    1 
HETATM 405 H HB11 . AIB B 1 10 ? -3.89797  4.78041  1.48679   1.000 9.32000  ? 10  AIB B HB11 1 
HETATM 406 H HB12 . AIB B 1 10 ? -4.94693  4.36878  0.05787   1.000 9.32000  ? 10  AIB B HB12 1 
HETATM 407 H HB13 . AIB B 1 10 ? -5.61717  4.24317  1.74581   1.000 9.32000  ? 10  AIB B HB13 1 
HETATM 408 H HB21 . AIB B 1 10 ? -2.60844  1.44300  0.40101   1.000 7.50000  ? 10  AIB B HB21 1 
HETATM 409 H HB22 . AIB B 1 10 ? -3.21581  2.75177  -0.72191  1.000 7.50000  ? 10  AIB B HB22 1 
HETATM 410 H HB23 . AIB B 1 10 ? -2.18656  3.19234  0.72465   1.000 7.50000  ? 10  AIB B HB23 1 
ATOM   411 N N    A LEU B 1 11 ? -5.28282  0.45342  0.99927   0.770 6.67712  ? 11  LEU B N    1 
ATOM   412 N N    B LEU B 1 11 ? -5.19834  0.43987  0.94200   0.230 6.92188  ? 11  LEU B N    1 
ATOM   413 C CA   A LEU B 1 11 ? -6.19962  -0.54911 0.45327   0.770 7.15875  ? 11  LEU B CA   1 
ATOM   414 C CA   B LEU B 1 11 ? -6.08445  -0.59153 0.41685   0.230 7.21665  ? 11  LEU B CA   1 
ATOM   415 C C    A LEU B 1 11 ? -7.43304  -0.80284 1.31478   0.770 7.67987  ? 11  LEU B C    1 
ATOM   416 C C    B LEU B 1 11 ? -7.23869  -0.83110 1.38640   0.230 7.76672  ? 11  LEU B C    1 
ATOM   417 O O    A LEU B 1 11 ? -8.14226  -1.79041 1.13406   0.770 8.14835  ? 11  LEU B O    1 
ATOM   418 O O    B LEU B 1 11 ? -8.34595  -1.18848 0.98409   0.230 7.80094  ? 11  LEU B O    1 
ATOM   419 C CB   A LEU B 1 11 ? -5.46898  -1.86890 0.21841   0.770 7.05348  ? 11  LEU B CB   1 
ATOM   420 C CB   B LEU B 1 11 ? -5.31542  -1.89688 0.18483   0.230 6.97452  ? 11  LEU B CB   1 
ATOM   421 C CG   A LEU B 1 11 ? -4.54863  -1.85027 -0.99410  0.770 8.02728  ? 11  LEU B CG   1 
ATOM   422 C CG   B LEU B 1 11 ? -4.46782  -1.99458 -1.09000  0.230 6.99294  ? 11  LEU B CG   1 
ATOM   423 C CD1  A LEU B 1 11 ? -3.77521  -3.15971 -1.12775  0.770 9.26953  ? 11  LEU B CD1  1 
ATOM   424 C CD1  B LEU B 1 11 ? -3.25952  -1.06222 -1.03456  0.230 6.55868  ? 11  LEU B CD1  1 
ATOM   425 C CD2  A LEU B 1 11 ? -5.34990  -1.55258 -2.25133  0.770 8.28257  ? 11  LEU B CD2  1 
ATOM   426 C CD2  B LEU B 1 11 ? -4.01434  -3.42608 -1.35331  0.230 6.99558  ? 11  LEU B CD2  1 
ATOM   427 H H    A LEU B 1 11 ? -4.75961  0.15495  1.61332   0.770 8.02000  ? 11  LEU B H    1 
ATOM   428 H H    B LEU B 1 11 ? -4.62640  0.14701  1.51291   0.230 8.31000  ? 11  LEU B H    1 
ATOM   429 H HA   A LEU B 1 11 ? -6.52375  -0.19731 -0.39059  0.770 8.60000  ? 11  LEU B HA   1 
ATOM   430 H HA   B LEU B 1 11 ? -6.44530  -0.30559 -0.43671  0.230 8.67000  ? 11  LEU B HA   1 
ATOM   431 H HB2  A LEU B 1 11 ? -4.92832  -2.06909 0.99852   0.770 8.47000  ? 11  LEU B HB2  1 
ATOM   432 H HB2  B LEU B 1 11 ? -4.71324  -2.02571 0.93455   0.230 8.38000  ? 11  LEU B HB2  1 
ATOM   433 H HB3  A LEU B 1 11 ? -6.12596  -2.56877 0.08139   0.770 8.47000  ? 11  LEU B HB3  1 
ATOM   434 H HB3  B LEU B 1 11 ? -5.96099  -2.62038 0.15049   0.230 8.38000  ? 11  LEU B HB3  1 
ATOM   435 H HG   A LEU B 1 11 ? -3.88948  -1.14760 -0.88035  0.770 9.64000  ? 11  LEU B HG   1 
ATOM   436 H HG   B LEU B 1 11 ? -5.02821  -1.71577 -1.83155  0.230 8.40000  ? 11  LEU B HG   1 
ATOM   437 H HD11 A LEU B 1 11 ? -3.25079  -3.13486 -1.94416  0.770 11.13000 ? 11  LEU B HD11 1 
ATOM   438 H HD11 B LEU B 1 11 ? -2.70254  -1.21920 -1.81330  0.230 7.88000  ? 11  LEU B HD11 1 
ATOM   439 H HD12 A LEU B 1 11 ? -3.18915  -3.25982 -0.36140  0.770 11.13000 ? 11  LEU B HD12 1 
ATOM   440 H HD12 B LEU B 1 11 ? -3.56967  -0.14256 -1.02891  0.230 7.88000  ? 11  LEU B HD12 1 
ATOM   441 H HD13 A LEU B 1 11 ? -4.40495  -3.89655 -1.16140  0.770 11.13000 ? 11  LEU B HD13 1 
ATOM   442 H HD13 B LEU B 1 11 ? -2.75609  -1.24609 -0.22531  0.230 7.88000  ? 11  LEU B HD13 1 
ATOM   443 H HD21 A LEU B 1 11 ? -4.86278  -1.88349 -3.02239  0.770 9.95000  ? 11  LEU B HD21 1 
ATOM   444 H HD21 B LEU B 1 11 ? -3.49372  -3.44580 -2.17190  0.230 8.40000  ? 11  LEU B HD21 1 
ATOM   445 H HD22 A LEU B 1 11 ? -6.21043  -1.99575 -2.18959  0.770 9.95000  ? 11  LEU B HD22 1 
ATOM   446 H HD22 B LEU B 1 11 ? -3.47156  -3.72755 -0.60831  0.230 8.40000  ? 11  LEU B HD22 1 
ATOM   447 H HD23 A LEU B 1 11 ? -5.47621  -0.59407 -2.32557  0.770 9.95000  ? 11  LEU B HD23 1 
ATOM   448 H HD23 B LEU B 1 11 ? -4.79527  -3.99275 -1.44493  0.230 8.40000  ? 11  LEU B HD23 1 
HETATM 449 C C11  . I77 B 1 12 ? -12.22282 0.93411  3.62670   1.000 6.28233  ? 12  I77 B C11  1 
HETATM 450 C C12  . I77 B 1 12 ? -10.96218 0.46830  3.91221   1.000 6.31655  ? 12  I77 B C12  1 
HETATM 451 C C13  . I77 B 1 12 ? -9.86302  0.69876  2.90359   1.000 7.02716  ? 12  I77 B C13  1 
HETATM 452 C C17  . I77 B 1 12 ? -10.72973 -0.18352 5.12675   1.000 6.24285  ? 12  I77 B C17  1 
HETATM 453 C C18  . I77 B 1 12 ? -11.74951 -0.34585 6.01880   1.000 5.39538  ? 12  I77 B C18  1 
HETATM 454 C C02  . I77 B 1 12 ? -17.34433 -0.46295 9.35286   1.000 5.97966  ? 12  I77 B C02  1 
HETATM 455 C C03  . I77 B 1 12 ? -16.12496 -0.34467 8.44655   1.000 5.58225  ? 12  I77 B C03  1 
HETATM 456 C C04  . I77 B 1 12 ? -16.36191 0.14678  7.18296   1.000 6.01388  ? 12  I77 B C04  1 
HETATM 457 C C05  . I77 B 1 12 ? -15.32544 0.28296  6.29824   1.000 5.44276  ? 12  I77 B C05  1 
HETATM 458 C C06  . I77 B 1 12 ? -14.83765 -0.71904 8.81075   1.000 5.76648  ? 12  I77 B C06  1 
HETATM 459 C C08  . I77 B 1 12 ? -14.07997 -0.09040 6.69610   1.000 5.34275  ? 12  I77 B C08  1 
HETATM 460 C C09  . I77 B 1 12 ? -12.99025 0.11195  5.67774   1.000 5.54540  ? 12  I77 B C09  1 
HETATM 461 N N01  . I77 B 1 12 ? -17.08847 -0.69251 10.73029  1.000 6.25338  ? 12  I77 B N01  1 
HETATM 462 N N07  . I77 B 1 12 ? -13.83916 -0.58302 7.92462   1.000 6.18232  ? 12  I77 B N07  1 
HETATM 463 N N10  . I77 B 1 12 ? -13.21180 0.74963  4.51422   1.000 6.55079  ? 12  I77 B N10  1 
HETATM 464 N N14  . I77 B 1 12 ? -8.65007  0.01050  3.18306   1.000 8.08781  ? 12  I77 B N14  1 
HETATM 465 N N15  . I77 B 1 12 ? -7.57395  0.20188  2.31572   1.000 8.21151  ? 12  I77 B N15  1 
HETATM 466 O O16  . I77 B 1 12 ? -9.98810  1.41191  1.95283   1.000 7.68513  ? 12  I77 B O16  1 
HETATM 467 O O19  . I77 B 1 12 ? -18.45312 -0.38791 8.91616   1.000 7.32456  ? 12  I77 B O19  1 
HETATM 468 H H111 . I77 B 1 12 ? -12.41609 1.44479  2.69536   1.000 7.55000  ? 12  I77 B H111 1 
HETATM 469 H H171 . I77 B 1 12 ? -9.73507  -0.56284 5.36051   1.000 7.50000  ? 12  I77 B H171 1 
HETATM 470 H H181 . I77 B 1 12 ? -11.57923 -0.82930 6.97814   1.000 6.48000  ? 12  I77 B H181 1 
HETATM 471 H H041 . I77 B 1 12 ? -17.35735 0.42286  6.89161   1.000 7.22000  ? 12  I77 B H041 1 
HETATM 472 H H051 . I77 B 1 12 ? -15.49376 0.68002  5.30407   1.000 6.54000  ? 12  I77 B H051 1 
HETATM 473 H H061 . I77 B 1 12 ? -14.64190 -1.11600 9.79662   1.000 6.93000  ? 12  I77 B H061 1 
HETATM 474 H H011 . I77 B 1 12 ? -16.14968 -0.75398 11.06561  1.000 7.51000  ? 12  I77 B H011 1 
HETATM 475 H H012 . I77 B 1 12 ? -17.86066 -0.78074 11.37094  1.000 7.51000  ? 12  I77 B H012 1 
HETATM 476 H H141 . I77 B 1 12 ? -8.57086  -0.59595 3.98192   1.000 9.71000  ? 12  I77 B H141 1 
HETATM 477 H H1   . I77 B 1 12 ? -6.73141  0.09429  2.85826   1.000 9.86000  ? 12  I77 B H1   1 
HETATM 478 N N    . CCN C 2 .  ? 7.79914   5.67825  -9.17924  1.000 22.25004 ? 101 CCN A N    1 
HETATM 479 C C1   . CCN C 2 .  ? 8.49586   4.99648  -8.55968  1.000 22.85800 ? 101 CCN A C1   1 
HETATM 480 C C2   . CCN C 2 .  ? 9.38166   4.14757  -7.78688  1.000 22.75010 ? 101 CCN A C2   1 
HETATM 481 H H21  . CCN C 2 .  ? 9.98472   3.67096  -8.37864  1.000 27.31000 ? 101 CCN A H21  1 
HETATM 482 H H22  . CCN C 2 .  ? 9.90425   4.68540  -7.17229  1.000 27.31000 ? 101 CCN A H22  1 
HETATM 483 H H23  . CCN C 2 .  ? 8.86375   3.50275  -7.27961  1.000 27.31000 ? 101 CCN A H23  1 
HETATM 484 N N    . CCN D 2 .  ? 3.29779   4.54050  -13.91083 1.000 21.79998 ? 102 CCN A N    1 
HETATM 485 C C1   . CCN D 2 .  ? 4.10405   5.23490  -13.46533 1.000 22.24477 ? 102 CCN A C1   1 
HETATM 486 C C2   . CCN D 2 .  ? 5.08718   6.12383  -12.87885 1.000 21.69997 ? 102 CCN A C2   1 
HETATM 487 H H21  . CCN D 2 .  ? 5.11211   6.00212  -11.91649 1.000 26.05000 ? 102 CCN A H21  1 
HETATM 488 H H22  . CCN D 2 .  ? 5.96583   5.93266  -13.24312 1.000 26.05000 ? 102 CCN A H22  1 
HETATM 489 H H23  . CCN D 2 .  ? 4.85975   7.04571  -13.07387 1.000 26.05000 ? 102 CCN A H23  1 
HETATM 490 N N    . CCN E 2 .  ? 3.55930   4.65332  -9.92429  1.000 18.74435 ? 103 CCN A N    1 
HETATM 491 C C1   . CCN E 2 .  ? 4.43913   4.02519  -10.33464 1.000 19.49444 ? 103 CCN A C1   1 
HETATM 492 C C2   . CCN E 2 .  ? 5.53007   3.23512  -10.88012 1.000 20.99199 ? 103 CCN A C2   1 
HETATM 493 H H21  . CCN E 2 .  ? 6.22901   3.12991  -10.21483 1.000 25.20000 ? 103 CCN A H21  1 
HETATM 494 H H22  . CCN E 2 .  ? 5.20760   2.35857  -11.13906 1.000 25.20000 ? 103 CCN A H22  1 
HETATM 495 H H23  . CCN E 2 .  ? 5.90210   3.67653  -11.66018 1.000 25.20000 ? 103 CCN A H23  1 
HETATM 496 N N    . CCN F 2 .  ? -16.47455 2.52679  2.85875   1.000 20.69985 ? 101 CCN B N    1 
HETATM 497 C C1   . CCN F 2 .  ? -17.21674 2.37804  1.99149   1.000 19.12861 ? 101 CCN B C1   1 
HETATM 498 C C2   . CCN F 2 .  ? -18.15756 2.18581  0.90675   1.000 19.37074 ? 101 CCN B C2   1 
HETATM 499 H H21  . CCN F 2 .  ? -17.78411 2.52791  0.07894   1.000 23.25000 ? 101 CCN B H21  1 
HETATM 500 H H22  . CCN F 2 .  ? -18.35131 1.24146  0.79728   1.000 23.25000 ? 101 CCN B H22  1 
HETATM 501 H H23  . CCN F 2 .  ? -18.98422 2.65605  1.09666   1.000 23.25000 ? 101 CCN B H23  1 
HETATM 502 N N    A CCN G 2 .  ? -9.05353  0.04484  -4.28800  0.600 9.20110  ? 102 CCN B N    1 
HETATM 503 N N    B CCN G 2 .  ? -8.96068  -0.11247 -2.65930  0.400 19.39706 ? 102 CCN B N    1 
HETATM 504 C C1   A CCN G 2 .  ? -9.11846  0.36032  -3.18439  0.600 9.17478  ? 102 CCN B C1   1 
HETATM 505 C C1   B CCN G 2 .  ? -9.06142  0.72606  -1.87685  0.400 19.40496 ? 102 CCN B C1   1 
HETATM 506 C C2   A CCN G 2 .  ? -9.17292  0.76419  -1.79540  0.600 9.05635  ? 102 CCN B C2   1 
HETATM 507 C C2   B CCN G 2 .  ? -9.19102  1.77495  -0.88736  0.400 19.05755 ? 102 CCN B C2   1 
HETATM 508 H H21  A CCN G 2 .  ? -8.91683  1.69601  -1.70970  0.600 10.87000 ? 102 CCN B H21  1 
HETATM 509 H H21  B CCN G 2 .  ? -9.06946  2.64228  -1.30489  0.400 22.88000 ? 102 CCN B H21  1 
HETATM 510 H H22  A CCN G 2 .  ? -10.07388 0.65336  -1.45181  0.600 10.87000 ? 102 CCN B H22  1 
HETATM 511 H H22  B CCN G 2 .  ? -10.07108 1.74251  -0.48074  0.400 22.88000 ? 102 CCN B H22  1 
HETATM 512 H H23  A CCN G 2 .  ? -8.56668  0.22209  -1.26742  0.600 10.87000 ? 102 CCN B H23  1 
HETATM 513 H H23  B CCN G 2 .  ? -8.52039  1.66302  -0.19497  0.400 22.88000 ? 102 CCN B H23  1 
HETATM 514 N N    . CCN H 2 .  ? -5.80603  2.99248  10.86875  1.000 19.93397 ? 103 CCN B N    1 
HETATM 515 C C1   . CCN H 2 .  ? -6.63917  2.98131  11.64402  1.000 18.99701 ? 103 CCN B C1   1 
HETATM 516 C C2   . CCN H 2 .  ? -7.69494  2.94954  12.61626  1.000 18.61802 ? 103 CCN B C2   1 
HETATM 517 H H21  . CCN H 2 .  ? -7.54487  2.22653  13.24527  1.000 22.35000 ? 103 CCN B H21  1 
HETATM 518 H H22  . CCN H 2 .  ? -7.72428  3.78890  13.10187  1.000 22.35000 ? 103 CCN B H22  1 
HETATM 519 H H23  . CCN H 2 .  ? -8.54810  2.81129  12.17532  1.000 22.35000 ? 103 CCN B H23  1 
HETATM 520 N N    . CCN I 2 .  ? -3.56535  6.05820  12.16104  1.000 31.40903 ? 104 CCN B N    1 
HETATM 521 C C1   . CCN I 2 .  ? -4.42870  6.36726  11.46357  1.000 31.26164 ? 104 CCN B C1   1 
HETATM 522 C C2   . CCN I 2 .  ? -5.48500  6.78130  10.56424  1.000 31.10899 ? 104 CCN B C2   1 
HETATM 523 H H21  . CCN I 2 .  ? -5.24184  6.57510  9.64852   1.000 37.34000 ? 104 CCN B H21  1 
HETATM 524 H H22  . CCN I 2 .  ? -6.30857  6.31634  10.78375  1.000 37.34000 ? 104 CCN B H22  1 
HETATM 525 H H23  . CCN I 2 .  ? -5.63310  7.73636  10.64390  1.000 37.34000 ? 104 CCN B H23  1 
HETATM 526 O O    . HOH J 3 .  ? -0.81793  5.89897  -8.82724  1.000 6.76660  ? 201 HOH A O    1 
HETATM 527 O O    . HOH J 3 .  ? -4.34060  9.53383  -4.43840  1.000 9.05635  ? 202 HOH A O    1 
HETATM 528 O O    . HOH J 3 .  ? -4.40762  8.47968  -22.18511 1.000 7.51669  ? 203 HOH A O    1 
HETATM 529 O O    . HOH J 3 .  ? -7.22761  4.46493  -6.92605  1.000 6.38234  ? 204 HOH A O    1 
HETATM 530 O O    . HOH J 3 .  ? 7.60867   -3.89189 -3.64307  1.000 7.34562  ? 205 HOH A O    1 
HETATM 531 O O    . HOH J 3 .  ? 8.59480   6.27498  -11.91347 1.000 19.68394 ? 206 HOH A O    1 
HETATM 532 O O    . HOH J 3 .  ? 7.08910   -6.53267 -2.87576  1.000 6.72975  ? 207 HOH A O    1 
HETATM 533 O O    . HOH J 3 .  ? 8.13279   -6.17378 -0.25975  1.000 11.15134 ? 208 HOH A O    1 
HETATM 534 O O    . HOH K 3 .  ? -3.29097  7.53634  7.92740   1.000 9.39060  ? 201 HOH B O    1 
HETATM 535 O O    . HOH K 3 .  ? 6.68966   -2.91398 6.19783   1.000 7.56143  ? 202 HOH B O    1 
HETATM 536 O O    . HOH K 3 .  ? 2.85988   -2.04019 10.05842  1.000 70.07946 ? 203 HOH B O    1 
# 
loop_
_atom_site_anisotrop.id 
_atom_site_anisotrop.type_symbol 
_atom_site_anisotrop.pdbx_label_atom_id 
_atom_site_anisotrop.pdbx_label_alt_id 
_atom_site_anisotrop.pdbx_label_comp_id 
_atom_site_anisotrop.pdbx_label_asym_id 
_atom_site_anisotrop.pdbx_label_seq_id 
_atom_site_anisotrop.pdbx_PDB_ins_code 
_atom_site_anisotrop.U[1][1] 
_atom_site_anisotrop.U[2][2] 
_atom_site_anisotrop.U[3][3] 
_atom_site_anisotrop.U[1][2] 
_atom_site_anisotrop.U[1][3] 
_atom_site_anisotrop.U[2][3] 
_atom_site_anisotrop.pdbx_auth_seq_id 
_atom_site_anisotrop.pdbx_auth_comp_id 
_atom_site_anisotrop.pdbx_auth_asym_id 
_atom_site_anisotrop.pdbx_auth_atom_id 
1   O O1  . Z7Z A 1  ? 0.09175 0.05704 0.06001 -0.00576 0.01124  -0.00130 1   Z7Z A O1  
2   C C1  . Z7Z A 1  ? 0.09333 0.05711 0.05646 -0.01355 0.00754  -0.00320 1   Z7Z A C1  
3   C C2  . Z7Z A 1  ? 0.09673 0.05312 0.04625 -0.01119 0.00949  -0.00569 1   Z7Z A C2  
4   C C3  . Z7Z A 1  ? 0.09813 0.05935 0.04632 -0.00937 0.00867  -0.00207 1   Z7Z A C3  
5   C C4  . Z7Z A 1  ? 0.10100 0.06424 0.04036 -0.01176 0.00778  0.00055  1   Z7Z A C4  
6   C C5  . Z7Z A 1  ? 0.09595 0.06118 0.04017 -0.00831 0.00879  -0.00197 1   Z7Z A C5  
7   C C6  . Z7Z A 1  ? 0.09442 0.06933 0.04145 -0.00786 0.01002  0.00092  1   Z7Z A C6  
8   C C7  . Z7Z A 1  ? 0.09538 0.06599 0.03743 -0.01406 0.01081  -0.00413 1   Z7Z A C7  
9   C C8  . Z7Z A 1  ? 0.09742 0.08479 0.04139 -0.01149 0.01167  0.00169  1   Z7Z A C8  
10  C C9  . Z7Z A 1  ? 0.10427 0.08066 0.04428 -0.01703 0.01492  0.00318  1   Z7Z A C9  
11  C C10 . Z7Z A 1  ? 0.10706 0.12640 0.04835 0.00740  0.01682  0.00676  1   Z7Z A C10 
12  C C11 . Z7Z A 1  ? 0.10909 0.11130 0.04810 -0.01164 0.02053  0.00561  1   Z7Z A C11 
13  C C12 . Z7Z A 1  ? 0.10599 0.16904 0.05638 0.01591  0.02223  0.01842  1   Z7Z A C12 
14  C C13 . Z7Z A 1  ? 0.10488 0.15085 0.05787 -0.00022 0.02152  0.01295  1   Z7Z A C13 
24  N N   . AIB A 2  ? 0.09527 0.05483 0.07610 -0.01383 0.01122  -0.00438 2   AIB A N   
25  C CA  . AIB A 2  ? 0.09411 0.06053 0.09697 -0.02049 0.00878  -0.00609 2   AIB A CA  
26  C C   . AIB A 2  ? 0.08557 0.05961 0.09483 -0.02185 0.01988  0.00545  2   AIB A C   
27  O O   . AIB A 2  ? 0.09031 0.07288 0.10120 -0.01245 0.01905  0.00830  2   AIB A O   
28  C CB1 . AIB A 2  ? 0.10182 0.08096 0.09922 -0.01247 0.00023  -0.01701 2   AIB A CB1 
29  C CB2 . AIB A 2  ? 0.10257 0.06722 0.11941 -0.02100 0.01390  0.00080  2   AIB A CB2 
37  N N   . LEU A 3  ? 0.09227 0.06225 0.07877 -0.01104 0.02798  0.01049  3   LEU A N   
38  C CA  . LEU A 3  ? 0.09777 0.08062 0.06971 -0.00735 0.03438  0.02157  3   LEU A CA  
39  C C   . LEU A 3  ? 0.08462 0.06676 0.04612 -0.01573 0.01754  0.00356  3   LEU A C   
40  O O   . LEU A 3  ? 0.08448 0.06874 0.04808 -0.01650 0.01766  -0.00214 3   LEU A O   
41  C CB  . LEU A 3  ? 0.14162 0.13280 0.09717 0.02960  0.05229  0.04817  3   LEU A CB  
42  C CG  . LEU A 3  ? 0.17497 0.15013 0.14440 0.04076  0.06833  0.07118  3   LEU A CG  
43  C CD1 . LEU A 3  ? 0.19744 0.22670 0.14927 0.05507  0.06478  0.08918  3   LEU A CD1 
44  C CD2 . LEU A 3  ? 0.18558 0.15717 0.16344 0.04590  0.08152  0.07455  3   LEU A CD2 
56  N N   . AIB A 4  ? 0.08552 0.06329 0.04199 -0.01488 0.01585  0.00033  4   AIB A N   
57  C CA  . AIB A 4  ? 0.08629 0.05783 0.05197 -0.02119 0.01642  -0.00276 4   AIB A CA  
58  C C   . AIB A 4  ? 0.07583 0.05342 0.05275 -0.02157 0.01986  0.00131  4   AIB A C   
59  O O   . AIB A 4  ? 0.08416 0.05833 0.06000 -0.01444 0.01527  -0.00100 4   AIB A O   
60  C CB1 . AIB A 4  ? 0.08801 0.07886 0.06033 -0.02037 0.00911  -0.01151 4   AIB A CB1 
61  C CB2 . AIB A 4  ? 0.08158 0.06693 0.05929 -0.01830 0.01917  0.00517  4   AIB A CB2 
69  N N   . ALA A 5  ? 0.08428 0.05300 0.04522 -0.01202 0.01663  0.00113  5   ALA A N   
70  C CA  . ALA A 5  ? 0.08773 0.06405 0.04402 -0.01551 0.01155  -0.00115 5   ALA A CA  
71  C C   . ALA A 5  ? 0.08857 0.05870 0.04203 -0.01527 0.00728  -0.00903 5   ALA A C   
72  O O   . ALA A 5  ? 0.09040 0.06647 0.04623 -0.00645 0.00818  -0.00394 5   ALA A O   
73  C CB  . ALA A 5  ? 0.10424 0.08914 0.04262 -0.00556 0.01179  -0.00899 5   ALA A CB  
79  N N   . AIB A 6  ? 0.08573 0.05495 0.05112 -0.01835 0.01549  -0.01026 6   AIB A N   
80  C CA  . AIB A 6  ? 0.08819 0.05735 0.06446 -0.02053 0.02062  -0.00776 6   AIB A CA  
81  C C   . AIB A 6  ? 0.07632 0.05613 0.05425 -0.02017 0.01712  -0.00277 6   AIB A C   
82  O O   . AIB A 6  ? 0.08295 0.05686 0.06389 -0.01837 0.01317  -0.00777 6   AIB A O   
83  C CB1 . AIB A 6  ? 0.09301 0.07300 0.07759 -0.02693 0.01188  -0.02123 6   AIB A CB1 
84  C CB2 . AIB A 6  ? 0.09279 0.05748 0.07733 -0.02158 0.02744  0.00324  6   AIB A CB2 
92  N N   . LEU A 7  ? 0.08315 0.05001 0.04844 -0.01509 0.01649  -0.00133 7   LEU A N   
93  C CA  . LEU A 7  ? 0.08134 0.05360 0.04356 -0.01689 0.01365  -0.00673 7   LEU A CA  
94  C C   . LEU A 7  ? 0.08056 0.05418 0.04545 -0.01900 0.00839  -0.00543 7   LEU A C   
95  O O   . LEU A 7  ? 0.08597 0.05777 0.05376 -0.00817 0.01289  -0.00127 7   LEU A O   
96  C CB  . LEU A 7  ? 0.08702 0.05901 0.04447 -0.01574 0.01540  0.00101  7   LEU A CB  
97  C CG  . LEU A 7  ? 0.10233 0.06363 0.05055 -0.01971 0.01612  -0.01064 7   LEU A CG  
98  C CD1 . LEU A 7  ? 0.10895 0.08564 0.05780 -0.02128 0.02560  -0.01752 7   LEU A CD1 
99  C CD2 . LEU A 7  ? 0.10634 0.07773 0.06113 -0.02821 0.01014  -0.01045 7   LEU A CD2 
111 N N   . AIB A 8  ? 0.08293 0.05431 0.04645 -0.01590 0.00992  -0.00019 8   AIB A N   
112 C CA  . AIB A 8  ? 0.08386 0.05536 0.05218 -0.02102 0.00792  0.00679  8   AIB A CA  
113 C C   . AIB A 8  ? 0.09110 0.05291 0.04769 -0.01795 0.00637  0.00353  8   AIB A C   
114 O O   . AIB A 8  ? 0.09494 0.06032 0.05584 -0.01644 0.00430  0.00609  8   AIB A O   
115 C CB1 . AIB A 8  ? 0.09856 0.05647 0.06326 -0.02101 0.00522  0.00296  8   AIB A CB1 
116 C CB2 . AIB A 8  ? 0.08715 0.06891 0.05574 -0.01744 0.01214  0.01103  8   AIB A CB2 
124 N N   . GLN A 9  ? 0.08459 0.05810 0.04511 -0.01297 0.00487  -0.00105 9   GLN A N   
125 C CA  . GLN A 9  ? 0.08809 0.06107 0.04434 -0.01415 0.00679  0.00070  9   GLN A CA  
126 C C   . GLN A 9  ? 0.08701 0.05613 0.04477 -0.01555 0.00334  -0.00317 9   GLN A C   
127 O O   . GLN A 9  ? 0.09209 0.06934 0.04777 -0.00954 0.00261  -0.00215 9   GLN A O   
128 C CB  . GLN A 9  ? 0.09199 0.06301 0.04420 -0.01311 0.00543  -0.00467 9   GLN A CB  
129 C CG  . GLN A 9  ? 0.10426 0.07450 0.04573 -0.01571 0.00467  -0.01219 9   GLN A CG  
130 C CD  . GLN A 9  ? 0.12151 0.06970 0.05199 -0.01334 0.00625  -0.00947 9   GLN A CD  
131 O OE1 . GLN A 9  ? 0.11227 0.08332 0.06090 -0.03017 -0.00131 -0.00600 9   GLN A OE1 
132 N NE2 . GLN A 9  ? 0.13699 0.09474 0.06746 -0.01193 0.01429  -0.02407 9   GLN A NE2 
141 N N   . AIB A 10 ? 0.08354 0.05606 0.04800 -0.01580 0.00667  0.00152  10  AIB A N   
142 C CA  . AIB A 10 ? 0.08571 0.06062 0.04827 -0.01104 0.01246  -0.00144 10  AIB A CA  
143 C C   . AIB A 10 ? 0.08328 0.05979 0.04743 -0.00942 0.00421  -0.00488 10  AIB A C   
144 O O   . AIB A 10 ? 0.08925 0.06818 0.05617 -0.00481 0.00574  -0.00367 10  AIB A O   
145 C CB1 . AIB A 10 ? 0.08485 0.06548 0.06407 -0.02035 0.01453  -0.00097 10  AIB A CB1 
146 C CB2 . AIB A 10 ? 0.09922 0.07244 0.04713 -0.00466 0.01613  0.00405  10  AIB A CB2 
154 N N   . LEU A 11 ? 0.08979 0.05218 0.05783 -0.01116 0.00439  -0.00503 11  LEU A N   
155 C CA  . LEU A 11 ? 0.09377 0.05169 0.06785 -0.01452 -0.00042 -0.00770 11  LEU A CA  
156 C C   . LEU A 11 ? 0.10468 0.05811 0.07101 -0.01306 0.00356  0.00609  11  LEU A C   
157 O O   . LEU A 11 ? 0.13101 0.05755 0.07614 -0.00363 0.00339  0.00108  11  LEU A O   
158 C CB  . LEU A 11 ? 0.10617 0.06788 0.08464 -0.01466 -0.01168 -0.00944 11  LEU A CB  
159 C CG  . LEU A 11 ? 0.12393 0.07672 0.09226 -0.01678 -0.02559 -0.00929 11  LEU A CG  
160 C CD1 . LEU A 11 ? 0.12580 0.11822 0.09578 -0.00127 -0.02191 -0.03235 11  LEU A CD1 
161 C CD2 . LEU A 11 ? 0.13207 0.11869 0.09343 -0.02782 -0.02661 0.02025  11  LEU A CD2 
173 C C11 . I77 A 12 ? 0.11929 0.06307 0.05634 -0.01896 0.01161  0.00040  12  I77 A C11 
174 C C12 . I77 A 12 ? 0.11470 0.05531 0.05220 -0.02346 0.00563  -0.00382 12  I77 A C12 
175 C C13 . I77 A 12 ? 0.10925 0.05660 0.05714 -0.02130 0.00806  0.00055  12  I77 A C13 
176 C C17 . I77 A 12 ? 0.11921 0.06062 0.05608 -0.02096 0.00817  -0.00047 12  I77 A C17 
177 C C18 . I77 A 12 ? 0.11574 0.06559 0.05607 -0.02491 0.01010  -0.00369 12  I77 A C18 
178 C C02 . I77 A 12 ? 0.09434 0.09527 0.05600 -0.03169 0.00637  0.00630  12  I77 A C02 
179 C C03 . I77 A 12 ? 0.10092 0.07782 0.05375 -0.03464 0.00702  0.00163  12  I77 A C03 
180 C C04 . I77 A 12 ? 0.11051 0.09085 0.05444 -0.01892 0.01008  0.00714  12  I77 A C04 
181 C C05 . I77 A 12 ? 0.11485 0.08308 0.05586 -0.02307 0.01178  0.00619  12  I77 A C05 
182 C C06 . I77 A 12 ? 0.10593 0.06886 0.05490 -0.03636 0.00811  -0.00117 12  I77 A C06 
183 C C08 . I77 A 12 ? 0.10677 0.06295 0.05508 -0.03399 0.01030  0.00045  12  I77 A C08 
184 C C09 . I77 A 12 ? 0.10985 0.05866 0.05609 -0.03195 0.01025  -0.00199 12  I77 A C09 
185 N N01 . I77 A 12 ? 0.10823 0.11780 0.06057 -0.01122 0.01268  0.01240  12  I77 A N01 
186 N N07 . I77 A 12 ? 0.10612 0.06667 0.05471 -0.03520 0.01049  0.00452  12  I77 A N07 
187 N N10 . I77 A 12 ? 0.11268 0.06745 0.05477 -0.02367 0.00981  -0.00164 12  I77 A N10 
188 N N14 . I77 A 12 ? 0.11032 0.06299 0.06089 -0.01812 0.00958  0.00813  12  I77 A N14 
189 N N15 . I77 A 12 ? 0.10837 0.06016 0.06147 -0.01472 0.00665  0.00173  12  I77 A N15 
190 O O16 . I77 A 12 ? 0.10786 0.07594 0.05690 -0.01575 0.00892  0.00586  12  I77 A O16 
191 O O19 . I77 A 12 ? 0.09156 0.10063 0.05411 -0.03743 0.00765  -0.00547 12  I77 A O19 
202 C C1  . Z7Z B 1  ? 0.09589 0.07470 0.05650 -0.03241 0.01159  -0.00363 1   Z7Z B C1  
203 O O2  . Z7Z B 1  ? 0.08316 0.08842 0.06412 -0.03430 0.00797  0.00156  1   Z7Z B O2  
204 C C2  . Z7Z B 1  ? 0.08789 0.07394 0.05846 -0.03566 0.01469  -0.00473 1   Z7Z B C2  
205 C C3  . Z7Z B 1  ? 0.08567 0.07937 0.05825 -0.03192 0.01194  -0.01250 1   Z7Z B C3  
206 C C4  . Z7Z B 1  ? 0.08490 0.08074 0.06156 -0.03008 0.01400  -0.01106 1   Z7Z B C4  
207 C C5  . Z7Z B 1  ? 0.09800 0.08086 0.06054 -0.02375 0.01841  -0.00571 1   Z7Z B C5  
208 C C6  . Z7Z B 1  ? 0.09366 0.08167 0.05817 -0.02697 0.01468  -0.00868 1   Z7Z B C6  
209 C C7  . Z7Z B 1  ? 0.09272 0.07291 0.05917 -0.03160 0.01330  -0.00924 1   Z7Z B C7  
210 C C8  . Z7Z B 1  ? 0.10839 0.08937 0.06204 -0.03026 0.01290  -0.00520 1   Z7Z B C8  
211 C C9  . Z7Z B 1  ? 0.10927 0.12741 0.07302 -0.03231 0.00999  0.00770  1   Z7Z B C9  
212 C C10 . Z7Z B 1  ? 0.12851 0.08928 0.05681 -0.02689 0.01377  -0.00535 1   Z7Z B C10 
213 C C11 . Z7Z B 1  ? 0.12337 0.13298 0.07896 -0.02651 0.01024  0.01301  1   Z7Z B C11 
214 C C12 . Z7Z B 1  ? 0.13785 0.09650 0.06485 -0.02381 0.01462  -0.00074 1   Z7Z B C12 
215 C C13 . Z7Z B 1  ? 0.13269 0.12359 0.07042 -0.02424 0.00891  0.00438  1   Z7Z B C13 
225 N N   . AIB B 2  ? 0.09623 0.08606 0.05082 -0.04022 0.00858  -0.00732 2   AIB B N   
226 C CA  . AIB B 2  ? 0.10493 0.08453 0.05484 -0.04107 0.00573  -0.00552 2   AIB B CA  
227 C C   . AIB B 2  ? 0.10513 0.07861 0.05526 -0.03102 0.00651  -0.00780 2   AIB B C   
228 O O   . AIB B 2  ? 0.10971 0.07809 0.05860 -0.02502 0.00774  -0.00704 2   AIB B O   
229 C CB1 . AIB B 2  ? 0.11580 0.08532 0.05388 -0.03544 0.00509  -0.00824 2   AIB B CB1 
230 C CB2 . AIB B 2  ? 0.10719 0.09423 0.05978 -0.04466 0.00757  -0.00295 2   AIB B CB2 
238 N N   A LEU B 3  ? 0.09809 0.10080 0.06311 -0.02155 0.00267  -0.01634 3   LEU B N   
239 N N   B LEU B 3  ? 0.09404 0.09773 0.05453 -0.02708 0.00154  -0.02050 3   LEU B N   
240 C CA  A LEU B 3  ? 0.09507 0.11942 0.07301 -0.01389 -0.00228 -0.02714 3   LEU B CA  
241 C CA  B LEU B 3  ? 0.10028 0.11239 0.06212 -0.02203 -0.00350 -0.03444 3   LEU B CA  
242 C C   A LEU B 3  ? 0.08910 0.09999 0.08881 -0.01413 -0.00397 -0.03275 3   LEU B C   
243 C C   B LEU B 3  ? 0.09544 0.09767 0.08379 -0.01158 -0.00119 -0.03747 3   LEU B C   
244 O O   A LEU B 3  ? 0.08944 0.10847 0.08399 -0.00834 -0.00823 -0.04035 3   LEU B O   
245 O O   B LEU B 3  ? 0.09756 0.11935 0.07578 0.00175  -0.00900 -0.04837 3   LEU B O   
246 C CB  A LEU B 3  ? 0.10166 0.15051 0.07312 -0.00248 0.00003  -0.02681 3   LEU B CB  
247 C CB  B LEU B 3  ? 0.11549 0.12881 0.06170 -0.01592 0.00210  -0.03412 3   LEU B CB  
248 C CG  A LEU B 3  ? 0.10983 0.14136 0.06991 0.00099  -0.00022 -0.03327 3   LEU B CG  
249 C CG  B LEU B 3  ? 0.12862 0.11988 0.05710 -0.02106 0.00094  -0.03020 3   LEU B CG  
250 C CD1 A LEU B 3  ? 0.12441 0.13875 0.07474 0.01484  0.00652  -0.02363 3   LEU B CD1 
251 C CD1 B LEU B 3  ? 0.13792 0.11596 0.06242 -0.02902 0.00253  -0.02020 3   LEU B CD1 
252 C CD2 A LEU B 3  ? 0.11732 0.15126 0.07042 0.00736  0.00210  -0.03484 3   LEU B CD2 
253 C CD2 B LEU B 3  ? 0.14156 0.14521 0.05943 -0.00438 0.00646  -0.03134 3   LEU B CD2 
276 N N   . AIB B 4  ? 0.08581 0.08143 0.10696 -0.01613 -0.00555 -0.03047 4   AIB B N   
277 C CA  . AIB B 4  ? 0.08732 0.07338 0.14150 -0.02294 -0.00400 -0.00792 4   AIB B CA  
278 C C   . AIB B 4  ? 0.08922 0.07285 0.12543 -0.01796 -0.00366 0.00464  4   AIB B C   
279 O O   . AIB B 4  ? 0.08283 0.08632 0.13955 -0.01781 -0.00379 0.00042  4   AIB B O   
280 C CB1 . AIB B 4  ? 0.09823 0.08516 0.15691 -0.02024 -0.00250 -0.02322 4   AIB B CB1 
281 C CB2 . AIB B 4  ? 0.09460 0.09708 0.16612 -0.01841 0.00492  0.02486  4   AIB B CB2 
289 N N   . ALA B 5  ? 0.09812 0.07348 0.09310 -0.01726 0.00047  0.00828  5   ALA B N   
290 C CA  . ALA B 5  ? 0.10814 0.08509 0.06867 -0.01671 0.00640  0.00832  5   ALA B CA  
291 C C   . ALA B 5  ? 0.10988 0.08032 0.05019 -0.01567 0.00011  -0.00652 5   ALA B C   
292 O O   . ALA B 5  ? 0.11669 0.09495 0.05456 -0.00589 0.00206  -0.00261 5   ALA B O   
293 C CB  . ALA B 5  ? 0.12370 0.12043 0.05297 -0.00456 0.00291  -0.00649 5   ALA B CB  
299 N N   . AIB B 6  ? 0.11140 0.07974 0.04756 -0.02183 0.00163  -0.00288 6   AIB B N   
300 C CA  . AIB B 6  ? 0.12297 0.09755 0.05498 -0.01577 0.00319  0.00712  6   AIB B CA  
301 C C   . AIB B 6  ? 0.10441 0.11142 0.04877 -0.00036 0.00534  -0.01273 6   AIB B C   
302 O O   . AIB B 6  ? 0.11204 0.13564 0.04831 0.01207  0.00453  -0.00365 6   AIB B O   
303 C CB1 . AIB B 6  ? 0.15576 0.08448 0.07056 -0.01073 0.00321  0.00703  6   AIB B CB1 
304 C CB2 . AIB B 6  ? 0.12178 0.14854 0.05959 -0.01897 0.00333  0.02469  6   AIB B CB2 
312 N N   A LEU B 7  ? 0.08613 0.12851 0.05367 -0.00308 0.00017  -0.02271 7   LEU B N   
313 N N   B LEU B 7  ? 0.10411 0.11723 0.05326 0.01350  0.00440  -0.03050 7   LEU B N   
314 C CA  A LEU B 7  ? 0.09672 0.12470 0.06338 0.00334  -0.00257 -0.03711 7   LEU B CA  
315 C CA  B LEU B 7  ? 0.10962 0.13003 0.06165 0.02373  0.00015  -0.04227 7   LEU B CA  
316 C C   A LEU B 7  ? 0.09282 0.10202 0.08166 0.00437  -0.01116 -0.03184 7   LEU B C   
317 C C   B LEU B 7  ? 0.10359 0.10397 0.07674 0.01056  -0.00742 -0.03865 7   LEU B C   
318 O O   A LEU B 7  ? 0.09104 0.08602 0.08563 0.00971  -0.01681 -0.04297 7   LEU B O   
319 O O   B LEU B 7  ? 0.10941 0.09023 0.07846 0.00829  -0.00854 -0.04916 7   LEU B O   
320 C CB  A LEU B 7  ? 0.11170 0.11566 0.06725 -0.00533 0.01574  -0.03754 7   LEU B CB  
321 C CB  B LEU B 7  ? 0.11669 0.15469 0.06752 0.03519  0.00986  -0.03836 7   LEU B CB  
322 C CG  A LEU B 7  ? 0.10596 0.09487 0.07877 -0.03297 0.03508  -0.02924 7   LEU B CG  
323 C CG  B LEU B 7  ? 0.10572 0.12667 0.07051 0.01625  0.01704  -0.04371 7   LEU B CG  
324 C CD1 A LEU B 7  ? 0.12251 0.10163 0.07266 -0.03529 0.03422  -0.01975 7   LEU B CD1 
325 C CD1 B LEU B 7  ? 0.10650 0.13060 0.07810 0.01458  0.02122  -0.03617 7   LEU B CD1 
326 C CD2 A LEU B 7  ? 0.12129 0.11934 0.09237 -0.02022 0.03828  -0.03370 7   LEU B CD2 
327 C CD2 B LEU B 7  ? 0.11524 0.10803 0.07572 0.02326  0.03083  -0.03642 7   LEU B CD2 
350 N N   . AIB B 8  ? 0.08835 0.11218 0.09367 -0.00645 -0.01164 -0.01412 8   AIB B N   
351 C CA  . AIB B 8  ? 0.09310 0.13976 0.10363 -0.01691 -0.01009 0.01221  8   AIB B CA  
352 C C   . AIB B 8  ? 0.10036 0.18480 0.08613 0.02019  0.00850  0.02042  8   AIB B C   
353 O O   . AIB B 8  ? 0.09091 0.26360 0.11859 0.01734  0.01186  0.05296  8   AIB B O   
354 C CB1 . AIB B 8  ? 0.11535 0.16872 0.12103 -0.01987 -0.01077 0.01362  8   AIB B CB1 
355 C CB2 . AIB B 8  ? 0.09775 0.13755 0.11480 -0.01696 -0.00589 0.02968  8   AIB B CB2 
364 N N   A GLN B 9  ? 0.11003 0.17402 0.05685 0.03974  0.01369  0.00573  9   GLN B N   
365 N N   B GLN B 9  ? 0.11553 0.17169 0.06469 0.03970  0.01761  0.00771  9   GLN B N   
366 C CA  A GLN B 9  ? 0.12153 0.17449 0.05638 0.04855  0.01738  0.00214  9   GLN B CA  
367 C CA  B GLN B 9  ? 0.12735 0.16117 0.05798 0.04847  0.02105  -0.00317 9   GLN B CA  
368 C C   A GLN B 9  ? 0.11960 0.15006 0.05235 0.04421  0.01773  -0.00377 9   GLN B C   
369 C C   B GLN B 9  ? 0.11715 0.15182 0.05144 0.04111  0.01859  -0.00157 9   GLN B C   
370 O O   A GLN B 9  ? 0.11921 0.16671 0.06047 0.04957  0.02519  0.00918  9   GLN B O   
371 O O   B GLN B 9  ? 0.10936 0.17015 0.05819 0.04003  0.02406  0.01614  9   GLN B O   
372 C CB  A GLN B 9  ? 0.12691 0.16092 0.05526 0.04033  0.01589  -0.01415 9   GLN B CB  
373 C CB  B GLN B 9  ? 0.12011 0.12739 0.05310 0.02863  0.01617  -0.02463 9   GLN B CB  
374 C CG  A GLN B 9  ? 0.11358 0.15331 0.04572 0.01069  0.00997  -0.02117 9   GLN B CG  
375 C CG  B GLN B 9  ? 0.10732 0.13364 0.04564 0.00329  0.00277  -0.03056 9   GLN B CG  
376 C CD  A GLN B 9  ? 0.11661 0.13358 0.04321 -0.00346 0.00923  -0.02605 9   GLN B CD  
377 C CD  B GLN B 9  ? 0.10792 0.14434 0.06064 -0.01156 -0.00610 -0.02431 9   GLN B CD  
378 O OE1 A GLN B 9  ? 0.12795 0.14259 0.04306 -0.00064 0.00805  -0.02258 9   GLN B OE1 
379 O OE1 B GLN B 9  ? 0.11203 0.13165 0.06792 -0.01376 -0.00116 -0.02622 9   GLN B OE1 
380 N NE2 A GLN B 9  ? 0.12611 0.16920 0.06309 -0.00572 0.02195  0.00064  9   GLN B NE2 
381 N NE2 B GLN B 9  ? 0.11988 0.17699 0.08653 -0.00492 -0.00038 0.00244  9   GLN B NE2 
398 N N   . AIB B 10 ? 0.10028 0.12271 0.04021 0.02467  0.01265  -0.01096 10  AIB B N   
399 C CA  . AIB B 10 ? 0.09991 0.11437 0.04112 0.01702  0.01314  -0.00072 10  AIB B CA  
400 C C   . AIB B 10 ? 0.08817 0.12354 0.03939 0.00190  0.01573  0.00237  10  AIB B C   
401 O O   . AIB B 10 ? 0.10044 0.14614 0.04462 0.00073  0.00777  0.01204  10  AIB B O   
402 C CB1 . AIB B 10 ? 0.11363 0.12625 0.05492 0.02913  0.01283  0.00421  10  AIB B CB1 
403 C CB2 . AIB B 10 ? 0.08993 0.10449 0.04268 0.00466  0.01493  -0.00235 10  AIB B CB2 
411 N N   A LEU B 11 ? 0.08281 0.13187 0.03901 -0.00804 0.01528  0.00520  11  LEU B N   
412 N N   B LEU B 11 ? 0.09153 0.12880 0.04266 0.00416  0.01690  0.00539  11  LEU B N   
413 C CA  A LEU B 11 ? 0.08902 0.13980 0.04319 -0.02098 0.01292  0.01057  11  LEU B CA  
414 C CA  B LEU B 11 ? 0.09251 0.13689 0.04479 0.00047  0.01570  0.00711  11  LEU B CA  
415 C C   A LEU B 11 ? 0.07515 0.16342 0.05322 -0.01691 0.00680  0.01829  11  LEU B C   
416 C C   B LEU B 11 ? 0.09100 0.15425 0.04985 0.00195  0.01389  0.00992  11  LEU B C   
417 O O   A LEU B 11 ? 0.07719 0.16734 0.06507 -0.01679 0.00424  0.02901  11  LEU B O   
418 O O   B LEU B 11 ? 0.09454 0.15336 0.04850 -0.00175 0.00803  0.00765  11  LEU B O   
419 C CB  A LEU B 11 ? 0.10341 0.11437 0.05022 -0.03683 0.01841  0.01215  11  LEU B CB  
420 C CB  B LEU B 11 ? 0.09454 0.12663 0.04383 -0.00642 0.01561  0.00468  11  LEU B CB  
421 C CG  A LEU B 11 ? 0.13732 0.10772 0.05995 -0.03651 0.03030  0.00614  11  LEU B CG  
422 C CG  B LEU B 11 ? 0.09577 0.12504 0.04489 -0.01211 0.01667  0.00328  11  LEU B CG  
423 C CD1 A LEU B 11 ? 0.14147 0.13127 0.07946 -0.03264 0.03971  0.01717  11  LEU B CD1 
424 C CD1 B LEU B 11 ? 0.10088 0.10249 0.04584 -0.00850 0.02159  0.00405  11  LEU B CD1 
425 C CD2 A LEU B 11 ? 0.16419 0.09782 0.05269 -0.02869 0.02925  -0.00821 11  LEU B CD2 
426 C CD2 B LEU B 11 ? 0.09193 0.13143 0.04244 -0.02152 0.01047  -0.00511 11  LEU B CD2 
449 C C11 . I77 B 12 ? 0.08586 0.07776 0.07507 -0.01836 0.01815  -0.00609 12  I77 B C11 
450 C C12 . I77 B 12 ? 0.08501 0.08472 0.07027 -0.01531 0.02090  -0.00414 12  I77 B C12 
451 C C13 . I77 B 12 ? 0.08146 0.11346 0.07209 -0.00906 0.02135  0.00994  12  I77 B C13 
452 C C17 . I77 B 12 ? 0.08392 0.08661 0.06666 -0.01155 0.02304  -0.00759 12  I77 B C17 
453 C C18 . I77 B 12 ? 0.07825 0.07047 0.05627 -0.01735 0.01677  -0.01077 12  I77 B C18 
454 C C02 . I77 B 12 ? 0.08720 0.06725 0.07276 -0.01960 0.02378  -0.01247 12  I77 B C02 
455 C C03 . I77 B 12 ? 0.08885 0.05823 0.06502 -0.02042 0.02005  -0.01423 12  I77 B C03 
456 C C04 . I77 B 12 ? 0.08797 0.07268 0.06785 -0.01583 0.01802  -0.00381 12  I77 B C04 
457 C C05 . I77 B 12 ? 0.07710 0.06911 0.06059 -0.01550 0.01466  -0.00306 12  I77 B C05 
458 C C06 . I77 B 12 ? 0.08799 0.06946 0.06165 -0.02060 0.01306  -0.01354 12  I77 B C06 
459 C C08 . I77 B 12 ? 0.07626 0.06459 0.06215 -0.01947 0.01267  -0.00870 12  I77 B C08 
460 C C09 . I77 B 12 ? 0.08099 0.06481 0.06490 -0.01683 0.01502  -0.01661 12  I77 B C09 
461 N N01 . I77 B 12 ? 0.09592 0.06951 0.07216 -0.01475 0.02743  -0.00801 12  I77 B N01 
462 N N07 . I77 B 12 ? 0.08853 0.08560 0.06077 -0.01822 0.00942  -0.01349 12  I77 B N07 
463 N N10 . I77 B 12 ? 0.08987 0.08020 0.07883 -0.01474 0.02039  -0.00771 12  I77 B N10 
464 N N14 . I77 B 12 ? 0.08433 0.15198 0.07099 0.00739  0.03059  0.02721  12  I77 B N14 
465 N N15 . I77 B 12 ? 0.08446 0.16635 0.06119 0.00629  0.02293  0.02122  12  I77 B N15 
466 O O16 . I77 B 12 ? 0.08853 0.12111 0.08236 -0.01082 0.01794  0.02628  12  I77 B O16 
467 O O19 . I77 B 12 ? 0.08485 0.11296 0.08049 -0.01608 0.02266  -0.00799 12  I77 B O19 
478 N N   . CCN C .  ? 0.40613 0.28324 0.15602 0.18401  0.06471  0.03813  101 CCN A N   
479 C C1  . CCN C .  ? 0.41081 0.29845 0.15924 0.19029  0.06715  0.04787  101 CCN A C1  
480 C C2  . CCN C .  ? 0.40637 0.29883 0.15920 0.19234  0.06634  0.05034  101 CCN A C2  
484 N N   . CCN D .  ? 0.32962 0.21518 0.28350 0.08668  0.13079  0.10647  102 CCN A N   
485 C C1  . CCN D .  ? 0.32771 0.22432 0.29317 0.08650  0.13708  0.12182  102 CCN A C1  
486 C C2  . CCN D .  ? 0.31362 0.21205 0.29883 0.07707  0.13392  0.11938  102 CCN A C2  
490 N N   . CCN E .  ? 0.38388 0.14374 0.18458 -0.07814 0.13243  -0.03806 103 CCN A N   
491 C C1  . CCN E .  ? 0.41129 0.13839 0.19102 -0.06496 0.13910  -0.03090 103 CCN A C1  
492 C C2  . CCN E .  ? 0.44578 0.15050 0.20131 -0.04671 0.14723  -0.02678 103 CCN A C2  
496 N N   . CCN F .  ? 0.24252 0.25383 0.29015 0.06226  -0.10903 -0.10321 101 CCN B N   
497 C C1  . CCN F .  ? 0.24726 0.18579 0.29375 0.05645  -0.10924 -0.10714 101 CCN B C1  
498 C C2  . CCN F .  ? 0.26799 0.16653 0.30149 0.07244  -0.10049 -0.09990 101 CCN B C2  
502 N N   A CCN G .  ? 0.12034 0.11279 0.11647 -0.02426 -0.01151 0.03469  102 CCN B N   
503 N N   B CCN G .  ? 0.35969 0.12580 0.25151 0.02026  0.03610  0.03457  102 CCN B N   
504 C C1  A CCN G .  ? 0.11744 0.11162 0.11953 -0.02376 -0.00144 0.03754  102 CCN B C1  
505 C C1  B CCN G .  ? 0.36151 0.12337 0.25242 0.02234  0.03749  0.03496  102 CCN B C1  
506 C C2  A CCN G .  ? 0.11167 0.12079 0.11164 -0.02848 -0.00618 0.03559  102 CCN B C2  
507 C C2  B CCN G .  ? 0.36226 0.10861 0.25322 0.02141  0.03863  0.03463  102 CCN B C2  
514 N N   . CCN H .  ? 0.16275 0.46873 0.12592 -0.01284 0.01563  -0.03294 103 CCN B N   
515 C C1  . CCN H .  ? 0.14671 0.45431 0.12078 -0.02309 0.00411  -0.04256 103 CCN B C1  
516 C C2  . CCN H .  ? 0.15003 0.43846 0.11891 -0.02258 0.00181  -0.04808 103 CCN B C2  
520 N N   . CCN I .  ? 0.60010 0.37605 0.21726 0.02867  0.15204  0.00335  104 CCN B N   
521 C C1  . CCN I .  ? 0.59791 0.37480 0.21508 0.02767  0.15001  0.00299  104 CCN B C1  
522 C C2  . CCN I .  ? 0.59495 0.37337 0.21367 0.02642  0.14898  0.00237  104 CCN B C2  
526 O O   . HOH J .  ? 0.11942 0.07044 0.06724 -0.03020 0.00502  0.00423  201 HOH A O   
527 O O   . HOH J .  ? 0.16965 0.07953 0.09492 0.00986  -0.01841 -0.01062 202 HOH A O   
528 O O   . HOH J .  ? 0.10242 0.10683 0.07635 -0.02144 0.00587  0.00691  203 HOH A O   
529 O O   . HOH J .  ? 0.10175 0.07158 0.06917 -0.01134 -0.00165 0.00066  204 HOH A O   
530 O O   . HOH J .  ? 0.10051 0.09696 0.08163 0.00001  0.01682  0.01486  205 HOH A O   
531 O O   . HOH J .  ? 0.38386 0.15453 0.20951 -0.08483 0.14812  -0.04980 206 HOH A O   
532 O O   . HOH J .  ? 0.11211 0.08995 0.05364 0.00413  0.01535  0.00640  207 HOH A O   
533 O O   . HOH J .  ? 0.12200 0.23694 0.06476 0.01498  0.00383  -0.02530 208 HOH A O   
534 O O   . HOH K .  ? 0.11166 0.16406 0.08108 0.02353  0.02037  0.02202  201 HOH B O   
535 O O   . HOH K .  ? 0.09308 0.09180 0.10242 -0.01153 -0.00343 -0.02329 202 HOH B O   
536 O O   . HOH K .  ? 1.41856 0.52910 0.71504 0.19889  0.01294  0.21114  203 HOH B O   
# 
